data_7O6Z
#
_entry.id   7O6Z
#
_cell.length_a   89.870
_cell.length_b   70.180
_cell.length_c   97.230
_cell.angle_alpha   90.000
_cell.angle_beta   91.394
_cell.angle_gamma   90.000
#
_symmetry.space_group_name_H-M   'P 1 21 1'
#
loop_
_entity.id
_entity.type
_entity.pdbx_description
1 polymer 'Methanol dehydrogenase (Cytochrome c) subunit 1'
2 non-polymer 'Neodymium Ion'
3 non-polymer METHANOL
4 non-polymer 'PYRROLOQUINOLINE QUINONE'
5 water water
#
_entity_poly.entity_id   1
_entity_poly.type   'polypeptide(L)'
_entity_poly.pdbx_seq_one_letter_code
;MRFLKRKKSLSAGMLLALAVGSAASIPSAYSNDDVLKLTENPKNWAAPGKDYANTRHSPLKQINTQNVKGLHMAWSFSTG
VLRGHEGQPLVIGDRMYVVTPYPNIVWALDISKGNSYEVLWKYAPRQDDKAVSTACCDTVNRGASYADGKIVFNTLDGYV
VCLDANTGKELWKTKFADVNKGETSTPAPIIVKDKVVTGYGGDEFGARGRFAAFDLNSGKMVWQAYSNGPDSDVLLGPDF
NSKHPEYGQAGQDLGVKTYPDEEWKRGGGCAWGWYSYDPKLDLIYYNTGNPGLWSPSYRTEAKTHEEANEPWKWDNKWSM
TIFARKPDTGEAVWGYQMTPFDQWDYDGINEDVLVDITVDGSKKPCLVHFDRNGFCYVLNRTDGTIIRANKFVTVNWAEK
IDMKTGRPVKVKEHSPFEVGKAVQAYPSAMGGKDQQPVAVDPKEPNVFYAPTNNWGMTLEPMERAHTNQGSVYVFANVLM
KPEKPGVMGRFKAFDVITGKARWDIPERFPTWSGALVTDGGLAFYGTLDGWFKAVDRKTGKVLWQQKLGSGIIGNPISYE
VGGKQYISVLSGIGGWIGLPVTAGLDPADPYGALGVSGMAAENGFYNIPMGGTLYTFCVQ
;
_entity_poly.pdbx_strand_id   A,B
#
loop_
_chem_comp.id
_chem_comp.type
_chem_comp.name
_chem_comp.formula
MOH non-polymer METHANOL 'C H4 O'
ND non-polymer 'Neodymium Ion' 'Nd 3'
PQQ non-polymer 'PYRROLOQUINOLINE QUINONE' 'C14 H6 N2 O8'
#
# COMPACT_ATOMS: atom_id res chain seq x y z
N ASN A 32 -25.78 17.29 17.19
CA ASN A 32 -24.82 17.64 18.23
C ASN A 32 -24.33 19.07 18.04
N ASP A 33 -24.27 19.83 19.13
CA ASP A 33 -23.83 21.21 19.02
C ASP A 33 -22.42 21.31 18.48
N ASP A 34 -21.47 20.60 19.10
CA ASP A 34 -20.08 20.66 18.64
C ASP A 34 -19.96 20.36 17.15
N VAL A 35 -20.70 19.37 16.65
CA VAL A 35 -20.64 19.00 15.24
C VAL A 35 -21.10 20.15 14.35
N LEU A 36 -22.15 20.87 14.76
CA LEU A 36 -22.70 21.95 13.96
C LEU A 36 -21.69 23.07 13.74
N LYS A 37 -20.87 23.34 14.75
CA LYS A 37 -19.92 24.45 14.68
C LYS A 37 -18.67 24.05 13.90
N LEU A 38 -18.17 22.84 14.13
CA LEU A 38 -17.02 22.37 13.37
C LEU A 38 -17.37 22.25 11.91
N THR A 39 -18.59 21.77 11.62
CA THR A 39 -19.02 21.64 10.23
C THR A 39 -19.36 23.00 9.64
N GLU A 40 -19.80 23.95 10.48
CA GLU A 40 -20.10 25.28 9.95
C GLU A 40 -18.82 26.01 9.58
N ASN A 41 -17.71 25.67 10.23
CA ASN A 41 -16.43 26.28 9.91
C ASN A 41 -15.91 25.69 8.60
N PRO A 42 -15.67 26.50 7.57
CA PRO A 42 -15.20 25.95 6.29
C PRO A 42 -13.80 25.36 6.31
N LYS A 43 -12.99 25.64 7.33
CA LYS A 43 -11.64 25.09 7.35
C LYS A 43 -11.62 23.61 7.70
N ASN A 44 -12.69 23.08 8.29
CA ASN A 44 -12.75 21.69 8.70
C ASN A 44 -13.59 20.85 7.75
N TRP A 45 -13.48 19.53 7.97
CA TRP A 45 -14.25 18.46 7.34
C TRP A 45 -14.51 17.59 8.58
N ALA A 46 -15.50 18.00 9.37
CA ALA A 46 -15.81 17.33 10.62
C ALA A 46 -16.88 16.27 10.51
N ALA A 47 -17.50 16.10 9.35
CA ALA A 47 -18.52 15.09 9.18
C ALA A 47 -18.20 14.25 7.97
N PRO A 48 -18.67 13.01 7.93
CA PRO A 48 -18.37 12.17 6.76
C PRO A 48 -18.72 12.81 5.42
N GLY A 49 -19.85 13.50 5.34
CA GLY A 49 -20.25 14.17 4.11
C GLY A 49 -20.14 15.67 4.24
N LYS A 50 -19.15 16.09 5.03
CA LYS A 50 -18.77 17.46 5.34
C LYS A 50 -19.78 18.16 6.24
N ASP A 51 -21.02 17.67 6.28
CA ASP A 51 -22.04 18.28 7.13
C ASP A 51 -23.18 17.28 7.29
N TYR A 52 -24.12 17.63 8.16
CA TYR A 52 -25.26 16.76 8.43
C TYR A 52 -26.08 16.50 7.17
N ALA A 53 -26.13 17.46 6.26
CA ALA A 53 -26.90 17.32 5.03
C ALA A 53 -26.16 16.55 3.94
N ASN A 54 -24.92 16.15 4.19
CA ASN A 54 -24.11 15.40 3.23
C ASN A 54 -23.92 16.15 1.92
N THR A 55 -23.86 17.48 1.99
CA THR A 55 -23.67 18.28 0.77
C THR A 55 -22.34 18.01 0.11
N ARG A 56 -21.30 17.69 0.90
CA ARG A 56 -19.95 17.43 0.37
C ARG A 56 -19.45 18.63 -0.43
N HIS A 57 -19.77 19.82 0.04
CA HIS A 57 -19.39 21.07 -0.60
C HIS A 57 -18.47 21.84 0.32
N SER A 58 -17.41 22.41 -0.25
CA SER A 58 -16.43 23.18 0.50
C SER A 58 -16.42 24.61 -0.01
N PRO A 59 -16.54 25.62 0.86
CA PRO A 59 -16.54 27.01 0.40
C PRO A 59 -15.15 27.57 0.17
N LEU A 60 -14.10 26.79 0.45
CA LEU A 60 -12.73 27.26 0.27
C LEU A 60 -12.46 27.55 -1.21
N LYS A 61 -12.27 28.81 -1.57
CA LYS A 61 -11.99 29.19 -2.94
C LYS A 61 -10.51 29.44 -3.15
N GLN A 62 -9.70 29.34 -2.08
CA GLN A 62 -8.25 29.41 -2.12
C GLN A 62 -7.62 28.59 -3.26
N ILE A 63 -8.31 27.54 -3.70
CA ILE A 63 -7.89 26.72 -4.85
C ILE A 63 -9.02 26.86 -5.87
N ASN A 64 -8.71 27.31 -7.08
CA ASN A 64 -9.79 27.58 -8.05
C ASN A 64 -9.43 27.12 -9.46
N THR A 65 -10.35 27.47 -10.37
CA THR A 65 -10.29 27.13 -11.80
C THR A 65 -9.11 27.75 -12.54
N GLN A 66 -8.50 28.81 -12.01
CA GLN A 66 -7.40 29.43 -12.71
C GLN A 66 -6.02 28.91 -12.30
N ASN A 67 -5.89 28.35 -11.10
CA ASN A 67 -4.61 27.85 -10.63
C ASN A 67 -4.58 26.35 -10.38
N VAL A 68 -5.70 25.64 -10.58
CA VAL A 68 -5.71 24.19 -10.32
C VAL A 68 -4.73 23.45 -11.22
N LYS A 69 -4.31 24.04 -12.34
CA LYS A 69 -3.36 23.35 -13.20
C LYS A 69 -2.06 23.06 -12.45
N GLY A 70 -1.71 23.89 -11.48
CA GLY A 70 -0.53 23.74 -10.66
C GLY A 70 -0.71 22.94 -9.39
N LEU A 71 -1.87 22.31 -9.20
CA LEU A 71 -2.13 21.51 -8.02
C LEU A 71 -1.16 20.33 -7.97
N HIS A 72 -0.41 20.23 -6.87
CA HIS A 72 0.57 19.16 -6.71
C HIS A 72 0.48 18.53 -5.33
N MET A 73 0.97 17.30 -5.26
CA MET A 73 0.95 16.58 -3.99
CA MET A 73 0.96 16.57 -3.99
C MET A 73 1.86 17.26 -2.98
N ALA A 74 1.37 17.37 -1.74
CA ALA A 74 2.11 17.97 -0.65
C ALA A 74 2.75 16.91 0.24
N TRP A 75 2.03 15.80 0.43
CA TRP A 75 2.47 14.67 1.24
C TRP A 75 1.46 13.56 1.05
N SER A 76 1.88 12.33 1.34
CA SER A 76 1.02 11.18 1.24
C SER A 76 1.23 10.31 2.48
N PHE A 77 0.22 9.54 2.84
CA PHE A 77 0.28 8.69 4.02
C PHE A 77 -0.30 7.32 3.71
N SER A 78 0.51 6.29 3.81
CA SER A 78 0.05 4.94 3.55
C SER A 78 -0.67 4.40 4.78
N THR A 79 -1.75 3.65 4.55
CA THR A 79 -2.52 3.12 5.66
C THR A 79 -1.96 1.82 6.23
N GLY A 80 -1.08 1.14 5.49
CA GLY A 80 -0.57 -0.12 5.98
C GLY A 80 -1.58 -1.25 5.86
N VAL A 81 -2.67 -0.98 5.18
CA VAL A 81 -3.74 -2.00 5.00
C VAL A 81 -4.07 -2.07 3.51
N LEU A 82 -4.40 -3.24 3.00
CA LEU A 82 -4.78 -3.29 1.57
C LEU A 82 -6.30 -3.42 1.44
N ARG A 83 -6.76 -3.67 0.22
CA ARG A 83 -8.19 -3.79 -0.20
C ARG A 83 -8.83 -2.40 -0.36
N GLY A 84 -10.13 -2.34 -0.58
CA GLY A 84 -10.86 -1.09 -0.87
C GLY A 84 -10.75 -0.01 0.18
N HIS A 85 -10.31 1.18 -0.22
CA HIS A 85 -10.23 2.27 0.73
C HIS A 85 -11.35 3.27 0.44
N GLU A 86 -12.53 2.95 0.94
CA GLU A 86 -13.71 3.80 0.79
C GLU A 86 -13.71 4.84 1.89
N GLY A 87 -14.69 5.72 1.87
CA GLY A 87 -14.76 6.72 2.90
C GLY A 87 -13.83 7.89 2.65
N GLN A 88 -13.48 8.58 3.73
CA GLN A 88 -12.65 9.77 3.64
C GLN A 88 -12.12 10.06 5.04
N PRO A 89 -11.12 10.92 5.15
CA PRO A 89 -10.59 11.27 6.47
C PRO A 89 -11.44 12.38 7.07
N LEU A 90 -11.19 12.63 8.35
CA LEU A 90 -11.87 13.69 9.08
C LEU A 90 -10.82 14.71 9.49
N VAL A 91 -11.05 15.98 9.18
CA VAL A 91 -10.13 17.05 9.55
C VAL A 91 -10.86 17.95 10.55
N ILE A 92 -10.34 17.99 11.77
CA ILE A 92 -10.90 18.78 12.86
C ILE A 92 -9.75 19.63 13.37
N GLY A 93 -9.80 20.94 13.11
CA GLY A 93 -8.73 21.81 13.51
C GLY A 93 -7.58 21.44 12.60
N ASP A 94 -6.54 20.82 13.14
CA ASP A 94 -5.42 20.37 12.32
C ASP A 94 -5.05 18.95 12.73
N ARG A 95 -6.08 18.15 12.99
CA ARG A 95 -5.92 16.75 13.35
C ARG A 95 -6.75 15.96 12.36
N MET A 96 -6.13 14.97 11.73
CA MET A 96 -6.78 14.14 10.74
C MET A 96 -6.96 12.73 11.29
N TYR A 97 -8.13 12.15 11.02
CA TYR A 97 -8.45 10.80 11.47
C TYR A 97 -8.85 9.99 10.25
N VAL A 98 -8.16 8.87 10.02
CA VAL A 98 -8.41 8.00 8.89
C VAL A 98 -8.75 6.61 9.40
N VAL A 99 -9.80 6.02 8.83
CA VAL A 99 -10.22 4.67 9.18
C VAL A 99 -9.94 3.80 7.97
N THR A 100 -9.08 2.81 8.14
CA THR A 100 -8.71 1.91 7.07
C THR A 100 -9.74 0.80 6.93
N PRO A 101 -9.63 -0.02 5.87
CA PRO A 101 -10.53 -1.17 5.74
C PRO A 101 -10.12 -2.19 6.80
N TYR A 102 -10.77 -3.35 6.87
CA TYR A 102 -10.45 -4.36 7.87
C TYR A 102 -8.93 -4.57 7.96
N PRO A 103 -8.36 -4.70 9.18
CA PRO A 103 -8.95 -4.69 10.53
C PRO A 103 -9.44 -3.34 11.06
N ASN A 104 -9.64 -2.36 10.18
CA ASN A 104 -10.14 -1.04 10.55
C ASN A 104 -9.24 -0.31 11.53
N ILE A 105 -8.00 -0.09 11.12
CA ILE A 105 -7.05 0.65 11.94
C ILE A 105 -7.42 2.13 11.86
N VAL A 106 -7.33 2.83 12.99
CA VAL A 106 -7.63 4.26 13.05
C VAL A 106 -6.32 5.00 13.24
N TRP A 107 -5.98 5.86 12.28
CA TRP A 107 -4.76 6.65 12.30
C TRP A 107 -5.09 8.12 12.59
N ALA A 108 -4.40 8.70 13.57
CA ALA A 108 -4.56 10.09 13.93
C ALA A 108 -3.29 10.83 13.52
N LEU A 109 -3.43 11.79 12.61
CA LEU A 109 -2.30 12.54 12.09
C LEU A 109 -2.32 13.99 12.52
N ASP A 110 -1.14 14.51 12.86
CA ASP A 110 -0.95 15.90 13.25
C ASP A 110 -0.53 16.61 11.97
N ILE A 111 -1.47 17.34 11.37
CA ILE A 111 -1.24 18.05 10.12
C ILE A 111 -1.09 19.55 10.35
N SER A 112 -0.66 19.94 11.56
CA SER A 112 -0.49 21.35 11.87
C SER A 112 0.51 22.03 10.94
N LYS A 113 1.52 21.30 10.48
CA LYS A 113 2.49 21.91 9.57
C LYS A 113 1.91 22.18 8.20
N GLY A 114 0.84 21.48 7.83
CA GLY A 114 0.21 21.68 6.54
C GLY A 114 0.82 20.84 5.44
N ASN A 115 2.06 21.16 5.05
CA ASN A 115 2.72 20.42 3.97
C ASN A 115 3.37 19.12 4.44
N SER A 116 3.22 18.75 5.70
CA SER A 116 3.77 17.51 6.22
C SER A 116 2.83 16.98 7.30
N TYR A 117 3.01 15.71 7.64
CA TYR A 117 2.17 15.06 8.64
C TYR A 117 3.01 14.31 9.65
N GLU A 118 2.45 14.15 10.86
CA GLU A 118 3.08 13.42 11.94
C GLU A 118 1.99 12.60 12.61
N VAL A 119 2.28 11.32 12.86
CA VAL A 119 1.29 10.44 13.47
C VAL A 119 1.13 10.77 14.94
N LEU A 120 -0.11 10.96 15.37
CA LEU A 120 -0.40 11.24 16.77
C LEU A 120 -0.56 9.93 17.55
N TRP A 121 -1.42 9.04 17.05
CA TRP A 121 -1.63 7.75 17.69
C TRP A 121 -2.21 6.80 16.67
N LYS A 122 -2.35 5.53 17.06
CA LYS A 122 -2.87 4.48 16.21
C LYS A 122 -3.71 3.53 17.05
N TYR A 123 -4.90 3.18 16.55
CA TYR A 123 -5.80 2.26 17.24
C TYR A 123 -6.02 1.05 16.36
N ALA A 124 -5.56 -0.12 16.83
CA ALA A 124 -5.69 -1.37 16.09
C ALA A 124 -6.66 -2.28 16.82
N PRO A 125 -7.86 -2.48 16.32
CA PRO A 125 -8.82 -3.34 17.03
C PRO A 125 -8.61 -4.82 16.75
N ARG A 126 -8.92 -5.62 17.76
CA ARG A 126 -8.84 -7.08 17.65
C ARG A 126 -10.20 -7.53 17.14
N GLN A 127 -10.23 -8.14 15.96
CA GLN A 127 -11.49 -8.54 15.37
C GLN A 127 -11.57 -10.04 15.08
N ASP A 128 -12.81 -10.49 14.87
CA ASP A 128 -13.13 -11.86 14.51
C ASP A 128 -13.03 -11.91 12.99
N ASP A 129 -12.14 -12.76 12.47
CA ASP A 129 -11.92 -12.79 11.03
C ASP A 129 -13.08 -13.33 10.20
N LYS A 130 -14.11 -13.94 10.78
CA LYS A 130 -15.22 -14.36 9.92
C LYS A 130 -15.94 -13.15 9.32
N ALA A 131 -15.73 -11.96 9.87
CA ALA A 131 -16.36 -10.78 9.30
C ALA A 131 -15.91 -10.61 7.85
N VAL A 132 -14.67 -11.02 7.54
CA VAL A 132 -14.17 -10.92 6.18
C VAL A 132 -14.94 -11.84 5.25
N SER A 133 -15.15 -13.09 5.66
CA SER A 133 -15.88 -14.03 4.83
C SER A 133 -17.37 -13.74 4.81
N THR A 134 -17.88 -13.07 5.83
CA THR A 134 -19.30 -12.72 5.88
C THR A 134 -19.56 -11.38 5.20
N ALA A 135 -18.52 -10.71 4.73
CA ALA A 135 -18.71 -9.43 4.03
C ALA A 135 -19.02 -9.73 2.56
N CYS A 136 -20.10 -9.18 2.03
CA CYS A 136 -20.49 -9.49 0.64
C CYS A 136 -19.58 -8.81 -0.37
N CYS A 137 -19.33 -7.52 -0.15
CA CYS A 137 -18.69 -6.69 -1.19
C CYS A 137 -17.47 -5.90 -0.67
N ASP A 138 -16.39 -6.60 -0.31
CA ASP A 138 -15.07 -6.09 0.18
C ASP A 138 -15.11 -5.70 1.66
N THR A 139 -13.94 -5.60 2.27
CA THR A 139 -13.79 -5.28 3.71
C THR A 139 -13.60 -3.77 3.87
N VAL A 140 -14.57 -3.02 3.40
CA VAL A 140 -14.47 -1.56 3.39
C VAL A 140 -15.12 -0.93 4.62
N ASN A 141 -14.76 0.34 4.84
CA ASN A 141 -15.25 1.21 5.90
C ASN A 141 -15.47 2.56 5.26
N ARG A 142 -16.57 3.24 5.62
CA ARG A 142 -16.86 4.53 5.00
C ARG A 142 -16.52 5.74 5.85
N GLY A 143 -15.74 5.60 6.91
CA GLY A 143 -15.33 6.74 7.69
C GLY A 143 -15.78 6.70 9.14
N ALA A 144 -15.44 7.79 9.84
CA ALA A 144 -15.73 8.02 11.25
C ALA A 144 -16.36 9.38 11.44
N SER A 145 -16.87 9.62 12.64
CA SER A 145 -17.49 10.88 13.02
C SER A 145 -16.79 11.40 14.27
N TYR A 146 -16.86 12.72 14.47
CA TYR A 146 -16.21 13.36 15.61
C TYR A 146 -17.17 14.28 16.34
N ALA A 147 -17.03 14.34 17.66
CA ALA A 147 -17.84 15.20 18.50
C ALA A 147 -17.35 15.22 19.95
N ASP A 148 -17.25 16.41 20.53
CA ASP A 148 -16.82 16.59 21.92
C ASP A 148 -15.55 15.83 22.24
N GLY A 149 -14.58 15.90 21.33
CA GLY A 149 -13.32 15.22 21.54
C GLY A 149 -13.37 13.72 21.45
N LYS A 150 -14.40 13.17 20.81
CA LYS A 150 -14.54 11.73 20.68
C LYS A 150 -14.61 11.35 19.21
N ILE A 151 -14.08 10.15 18.92
CA ILE A 151 -14.05 9.59 17.58
C ILE A 151 -14.83 8.28 17.64
N VAL A 152 -15.85 8.16 16.79
CA VAL A 152 -16.68 6.96 16.74
C VAL A 152 -16.55 6.36 15.36
N PHE A 153 -16.55 5.03 15.29
CA PHE A 153 -16.45 4.32 14.01
C PHE A 153 -16.96 2.90 14.22
N ASN A 154 -17.11 2.19 13.11
CA ASN A 154 -17.60 0.82 13.12
C ASN A 154 -16.51 -0.15 12.67
N THR A 155 -16.39 -1.25 13.39
CA THR A 155 -15.45 -2.29 13.00
C THR A 155 -16.24 -3.29 12.17
N LEU A 156 -15.57 -3.93 11.21
CA LEU A 156 -16.28 -4.87 10.36
C LEU A 156 -16.94 -6.00 11.15
N ASP A 157 -16.37 -6.40 12.29
CA ASP A 157 -16.95 -7.48 13.08
C ASP A 157 -18.15 -7.04 13.91
N GLY A 158 -18.71 -5.87 13.63
CA GLY A 158 -19.90 -5.39 14.30
C GLY A 158 -19.77 -4.59 15.58
N TYR A 159 -18.65 -3.93 15.83
CA TYR A 159 -18.47 -3.16 17.04
C TYR A 159 -18.52 -1.66 16.78
N VAL A 160 -19.24 -0.94 17.64
CA VAL A 160 -19.34 0.51 17.58
C VAL A 160 -18.34 1.01 18.62
N VAL A 161 -17.22 1.55 18.15
CA VAL A 161 -16.14 1.98 19.02
C VAL A 161 -16.08 3.49 19.15
N CYS A 162 -15.73 3.96 20.36
CA CYS A 162 -15.58 5.37 20.67
C CYS A 162 -14.20 5.56 21.27
N LEU A 163 -13.37 6.37 20.62
CA LEU A 163 -12.00 6.60 21.08
C LEU A 163 -11.78 8.05 21.46
N ASP A 164 -10.86 8.25 22.41
CA ASP A 164 -10.50 9.59 22.83
C ASP A 164 -9.68 10.19 21.69
N ALA A 165 -10.14 11.33 21.16
CA ALA A 165 -9.47 11.95 20.02
C ALA A 165 -8.02 12.32 20.33
N ASN A 166 -7.74 12.81 21.54
CA ASN A 166 -6.39 13.23 21.87
C ASN A 166 -5.42 12.06 22.01
N THR A 167 -5.79 11.04 22.79
CA THR A 167 -4.91 9.92 23.06
C THR A 167 -5.19 8.65 22.28
N GLY A 168 -6.37 8.49 21.70
CA GLY A 168 -6.65 7.27 20.99
C GLY A 168 -7.07 6.13 21.88
N LYS A 169 -7.24 6.37 23.19
CA LYS A 169 -7.66 5.32 24.10
C LYS A 169 -9.12 4.97 23.84
N GLU A 170 -9.49 3.74 24.20
CA GLU A 170 -10.85 3.24 23.98
C GLU A 170 -11.77 3.71 25.10
N LEU A 171 -12.66 4.66 24.79
CA LEU A 171 -13.59 5.16 25.79
C LEU A 171 -14.69 4.14 26.07
N TRP A 172 -15.22 3.51 25.03
CA TRP A 172 -16.24 2.47 25.18
C TRP A 172 -16.39 1.74 23.85
N LYS A 173 -16.74 0.46 23.95
CA LYS A 173 -16.93 -0.43 22.82
C LYS A 173 -18.25 -1.17 23.01
N THR A 174 -19.08 -1.22 21.97
CA THR A 174 -20.38 -1.87 22.06
C THR A 174 -20.58 -2.83 20.88
N LYS A 175 -20.92 -4.07 21.18
CA LYS A 175 -21.17 -5.08 20.16
C LYS A 175 -22.59 -4.88 19.66
N PHE A 176 -22.73 -4.48 18.40
CA PHE A 176 -24.04 -4.23 17.80
C PHE A 176 -24.37 -5.23 16.70
N ALA A 177 -23.56 -5.28 15.64
CA ALA A 177 -23.81 -6.21 14.55
C ALA A 177 -23.23 -7.58 14.87
N ASP A 178 -24.00 -8.62 14.55
CA ASP A 178 -23.62 -10.00 14.80
C ASP A 178 -23.26 -10.67 13.48
N VAL A 179 -22.01 -11.11 13.37
CA VAL A 179 -21.53 -11.79 12.16
C VAL A 179 -22.25 -13.12 11.99
N ASN A 180 -22.53 -13.81 13.10
CA ASN A 180 -23.20 -15.11 13.03
C ASN A 180 -24.59 -15.00 12.41
N LYS A 181 -25.16 -13.79 12.41
CA LYS A 181 -26.45 -13.53 11.81
C LYS A 181 -26.31 -12.86 10.45
N GLY A 182 -25.09 -12.82 9.91
CA GLY A 182 -24.82 -12.23 8.61
C GLY A 182 -24.68 -10.73 8.59
N GLU A 183 -24.32 -10.11 9.71
CA GLU A 183 -24.19 -8.66 9.79
C GLU A 183 -22.74 -8.21 9.92
N THR A 184 -22.35 -7.22 9.13
CA THR A 184 -21.02 -6.63 9.14
C THR A 184 -21.20 -5.13 9.08
N SER A 185 -20.40 -4.38 9.85
CA SER A 185 -20.54 -2.93 9.94
C SER A 185 -19.55 -2.17 9.07
N THR A 186 -19.92 -2.00 7.80
CA THR A 186 -19.19 -1.23 6.78
C THR A 186 -19.46 0.29 6.80
N PRO A 187 -20.66 0.77 7.15
CA PRO A 187 -20.92 2.22 7.07
C PRO A 187 -20.27 3.04 8.18
N ALA A 188 -20.36 4.36 7.98
CA ALA A 188 -19.84 5.35 8.90
C ALA A 188 -20.97 5.94 9.71
N PRO A 189 -20.94 5.86 11.03
CA PRO A 189 -22.01 6.44 11.84
C PRO A 189 -21.86 7.96 11.94
N ILE A 190 -22.90 8.60 12.46
CA ILE A 190 -22.91 10.04 12.65
C ILE A 190 -23.34 10.30 14.09
N ILE A 191 -22.95 11.47 14.59
CA ILE A 191 -23.24 11.85 15.97
C ILE A 191 -24.34 12.90 15.97
N VAL A 192 -25.51 12.51 16.48
CA VAL A 192 -26.65 13.39 16.64
C VAL A 192 -26.38 14.01 18.01
N LYS A 193 -27.26 14.89 18.51
CA LYS A 193 -27.06 15.61 19.77
C LYS A 193 -26.23 14.85 20.80
N ASP A 194 -26.67 13.66 21.23
CA ASP A 194 -25.87 12.87 22.16
C ASP A 194 -26.02 11.38 21.85
N LYS A 195 -26.32 11.07 20.59
CA LYS A 195 -26.54 9.71 20.13
C LYS A 195 -25.60 9.37 18.98
N VAL A 196 -25.20 8.10 18.94
CA VAL A 196 -24.37 7.56 17.88
C VAL A 196 -25.31 6.63 17.12
N VAL A 197 -25.64 6.99 15.89
CA VAL A 197 -26.58 6.20 15.09
C VAL A 197 -25.84 5.53 13.94
N THR A 198 -26.21 4.28 13.67
CA THR A 198 -25.58 3.52 12.60
C THR A 198 -26.41 2.27 12.33
N GLY A 199 -26.09 1.66 11.20
CA GLY A 199 -26.66 0.42 10.72
C GLY A 199 -25.51 -0.51 10.34
N TYR A 200 -25.79 -1.41 9.41
CA TYR A 200 -24.78 -2.36 8.96
C TYR A 200 -25.26 -2.97 7.65
N GLY A 201 -24.48 -3.92 7.14
CA GLY A 201 -24.80 -4.63 5.92
C GLY A 201 -25.09 -6.10 6.20
N GLY A 202 -25.34 -6.83 5.12
CA GLY A 202 -25.62 -8.25 5.25
C GLY A 202 -26.89 -8.77 4.62
N ASP A 203 -27.49 -8.00 3.70
CA ASP A 203 -28.71 -8.45 3.03
C ASP A 203 -28.46 -9.75 2.28
N GLU A 204 -27.29 -9.88 1.64
CA GLU A 204 -26.95 -11.07 0.88
C GLU A 204 -26.65 -12.28 1.77
N PHE A 205 -26.63 -12.11 3.09
CA PHE A 205 -26.40 -13.22 4.00
C PHE A 205 -27.64 -13.52 4.83
N GLY A 206 -28.80 -13.03 4.38
CA GLY A 206 -30.07 -13.27 5.07
C GLY A 206 -30.22 -12.54 6.38
N ALA A 207 -29.54 -11.41 6.55
CA ALA A 207 -29.64 -10.66 7.79
C ALA A 207 -30.92 -9.82 7.83
N ARG A 208 -31.32 -9.45 9.05
CA ARG A 208 -32.49 -8.61 9.28
C ARG A 208 -31.95 -7.22 9.60
N GLY A 209 -32.24 -6.26 8.72
CA GLY A 209 -31.72 -4.91 8.89
C GLY A 209 -32.18 -4.26 10.19
N ARG A 210 -31.27 -3.49 10.78
CA ARG A 210 -31.52 -2.76 12.02
C ARG A 210 -30.79 -1.43 11.97
N PHE A 211 -31.39 -0.43 12.62
CA PHE A 211 -30.83 0.92 12.73
C PHE A 211 -31.01 1.33 14.17
N ALA A 212 -29.91 1.56 14.87
CA ALA A 212 -29.98 1.89 16.29
C ALA A 212 -29.18 3.14 16.63
N ALA A 213 -29.39 3.60 17.86
CA ALA A 213 -28.72 4.76 18.42
C ALA A 213 -28.04 4.35 19.72
N PHE A 214 -26.90 4.99 19.99
CA PHE A 214 -26.13 4.69 21.18
C PHE A 214 -25.73 5.97 21.90
N ASP A 215 -25.66 5.90 23.22
CA ASP A 215 -25.28 7.06 24.03
C ASP A 215 -23.84 7.45 23.71
N LEU A 216 -23.64 8.74 23.39
CA LEU A 216 -22.31 9.21 23.05
C LEU A 216 -21.34 9.12 24.22
N ASN A 217 -21.85 9.19 25.46
CA ASN A 217 -20.99 9.14 26.63
C ASN A 217 -20.81 7.72 27.18
N SER A 218 -21.91 7.04 27.50
CA SER A 218 -21.84 5.68 28.05
C SER A 218 -21.71 4.65 26.93
N GLY A 219 -22.62 4.67 25.96
CA GLY A 219 -22.50 3.71 24.89
C GLY A 219 -23.55 2.61 24.74
N LYS A 220 -24.61 2.55 25.59
CA LYS A 220 -25.64 1.52 25.40
C LYS A 220 -26.40 1.87 24.15
N MET A 221 -27.31 0.97 23.82
CA MET A 221 -28.27 1.18 22.76
C MET A 221 -29.46 1.89 23.42
N VAL A 222 -29.81 3.06 22.89
CA VAL A 222 -30.96 3.77 23.44
C VAL A 222 -32.23 3.24 22.79
N TRP A 223 -32.17 2.92 21.50
CA TRP A 223 -33.29 2.39 20.76
C TRP A 223 -32.75 1.77 19.47
N GLN A 224 -33.54 0.85 18.91
CA GLN A 224 -33.19 0.21 17.65
C GLN A 224 -34.47 -0.03 16.87
N ALA A 225 -34.41 0.17 15.55
CA ALA A 225 -35.56 -0.01 14.69
C ALA A 225 -35.23 -1.00 13.58
N TYR A 226 -36.07 -2.03 13.44
CA TYR A 226 -35.88 -3.03 12.41
C TYR A 226 -36.50 -2.55 11.10
N SER A 227 -35.98 -3.08 10.00
CA SER A 227 -36.48 -2.70 8.68
C SER A 227 -37.73 -3.50 8.27
N ASN A 228 -38.20 -4.41 9.10
CA ASN A 228 -39.39 -5.20 8.80
C ASN A 228 -39.90 -5.79 10.11
N GLY A 229 -40.90 -6.66 10.01
CA GLY A 229 -41.48 -7.27 11.18
C GLY A 229 -42.66 -6.46 11.68
N PRO A 230 -43.09 -6.72 12.92
CA PRO A 230 -44.24 -5.98 13.46
C PRO A 230 -43.96 -4.49 13.55
N ASP A 231 -45.04 -3.70 13.50
CA ASP A 231 -44.90 -2.25 13.57
C ASP A 231 -44.15 -1.84 14.82
N SER A 232 -44.33 -2.58 15.92
CA SER A 232 -43.63 -2.28 17.16
C SER A 232 -42.13 -2.47 17.01
N ASP A 233 -41.68 -3.29 16.05
CA ASP A 233 -40.26 -3.50 15.82
C ASP A 233 -39.69 -2.42 14.92
N VAL A 234 -40.52 -1.86 14.04
CA VAL A 234 -40.06 -0.80 13.12
C VAL A 234 -40.11 0.57 13.76
N LEU A 235 -40.69 0.68 14.97
CA LEU A 235 -40.79 1.94 15.70
C LEU A 235 -41.53 2.99 14.85
N LEU A 236 -42.80 2.70 14.61
CA LEU A 236 -43.66 3.58 13.82
C LEU A 236 -44.48 4.46 14.75
N GLY A 237 -44.24 5.77 14.69
CA GLY A 237 -44.94 6.73 15.52
C GLY A 237 -46.42 6.82 15.24
N PRO A 238 -47.16 7.47 16.14
CA PRO A 238 -48.60 7.60 15.95
C PRO A 238 -48.98 8.38 14.71
N ASP A 239 -48.13 9.31 14.26
CA ASP A 239 -48.38 10.13 13.09
C ASP A 239 -47.52 9.69 11.91
N PHE A 240 -47.19 8.41 11.84
CA PHE A 240 -46.37 7.90 10.75
C PHE A 240 -47.12 7.96 9.42
N ASN A 241 -46.51 8.63 8.43
CA ASN A 241 -47.08 8.79 7.09
C ASN A 241 -48.50 9.39 7.15
N SER A 242 -48.65 10.43 7.96
CA SER A 242 -49.94 11.07 8.11
C SER A 242 -50.43 11.71 6.82
N LYS A 243 -49.57 12.50 6.16
CA LYS A 243 -49.95 13.19 4.94
C LYS A 243 -49.91 12.31 3.70
N HIS A 244 -49.35 11.11 3.80
CA HIS A 244 -49.27 10.19 2.65
C HIS A 244 -49.69 8.79 3.07
N PRO A 245 -50.99 8.57 3.27
CA PRO A 245 -51.45 7.23 3.65
C PRO A 245 -51.15 6.19 2.58
N GLU A 246 -51.04 6.61 1.32
CA GLU A 246 -50.75 5.70 0.22
C GLU A 246 -49.34 5.14 0.29
N TYR A 247 -48.51 5.64 1.21
CA TYR A 247 -47.15 5.12 1.36
C TYR A 247 -47.15 3.86 2.23
N GLY A 248 -47.98 3.86 3.28
CA GLY A 248 -48.08 2.78 4.23
C GLY A 248 -48.23 3.40 5.61
N GLN A 249 -49.19 2.93 6.40
CA GLN A 249 -49.43 3.49 7.72
C GLN A 249 -49.24 2.48 8.84
N ALA A 250 -49.07 3.01 10.04
CA ALA A 250 -48.91 2.16 11.22
C ALA A 250 -50.24 1.50 11.54
N GLY A 251 -50.17 0.35 12.20
CA GLY A 251 -51.36 -0.38 12.56
C GLY A 251 -51.72 -1.49 11.59
N GLN A 252 -51.00 -1.61 10.47
CA GLN A 252 -51.25 -2.66 9.50
C GLN A 252 -50.21 -3.77 9.52
N ASP A 253 -49.08 -3.56 10.19
CA ASP A 253 -48.01 -4.56 10.28
C ASP A 253 -47.55 -5.00 8.89
N LEU A 254 -47.35 -4.02 8.01
CA LEU A 254 -46.91 -4.33 6.65
C LEU A 254 -45.61 -5.11 6.63
N GLY A 255 -44.73 -4.86 7.60
CA GLY A 255 -43.46 -5.57 7.67
C GLY A 255 -43.60 -7.06 7.91
N VAL A 256 -44.84 -7.49 8.15
CA VAL A 256 -45.14 -8.89 8.35
C VAL A 256 -45.96 -9.46 7.20
N LYS A 257 -46.87 -8.65 6.66
CA LYS A 257 -47.75 -9.07 5.57
C LYS A 257 -47.08 -9.06 4.22
N THR A 258 -46.32 -7.99 3.92
CA THR A 258 -45.66 -7.86 2.62
C THR A 258 -44.55 -8.90 2.37
N TYR A 259 -44.39 -9.84 3.27
CA TYR A 259 -43.42 -10.92 3.19
C TYR A 259 -44.17 -12.23 3.33
N PRO A 260 -43.63 -13.33 2.82
CA PRO A 260 -44.29 -14.62 3.02
C PRO A 260 -44.29 -14.96 4.50
N ASP A 261 -44.72 -16.16 4.88
CA ASP A 261 -44.84 -16.54 6.29
C ASP A 261 -43.82 -15.96 7.27
N GLU A 262 -42.52 -16.31 7.15
CA GLU A 262 -41.53 -15.80 8.08
C GLU A 262 -40.26 -15.31 7.37
N GLU A 263 -40.35 -15.04 6.06
CA GLU A 263 -39.17 -14.61 5.33
C GLU A 263 -38.63 -13.28 5.85
N TRP A 264 -39.44 -12.52 6.59
CA TRP A 264 -38.93 -11.25 7.11
C TRP A 264 -37.78 -11.46 8.10
N LYS A 265 -37.67 -12.65 8.71
CA LYS A 265 -36.56 -12.90 9.61
C LYS A 265 -35.25 -12.82 8.85
N ARG A 266 -35.31 -13.10 7.54
CA ARG A 266 -34.19 -12.99 6.61
C ARG A 266 -34.53 -11.94 5.56
N GLY A 267 -35.43 -11.01 5.91
CA GLY A 267 -35.94 -9.97 5.05
C GLY A 267 -35.07 -8.80 4.68
N GLY A 268 -33.77 -8.88 4.96
CA GLY A 268 -32.88 -7.81 4.58
C GLY A 268 -33.22 -6.46 5.18
N GLY A 269 -33.14 -5.44 4.34
CA GLY A 269 -33.41 -4.09 4.80
C GLY A 269 -32.30 -3.47 5.61
N CYS A 270 -31.07 -3.98 5.47
CA CYS A 270 -29.95 -3.42 6.22
C CYS A 270 -29.67 -1.99 5.79
N ALA A 271 -29.30 -1.14 6.75
CA ALA A 271 -29.01 0.27 6.49
C ALA A 271 -27.49 0.46 6.54
N TRP A 272 -26.84 0.18 5.42
CA TRP A 272 -25.39 0.29 5.32
C TRP A 272 -24.93 1.50 4.51
N GLY A 273 -25.82 2.45 4.25
CA GLY A 273 -25.52 3.64 3.47
C GLY A 273 -25.14 4.83 4.32
N TRP A 274 -25.37 6.03 3.76
CA TRP A 274 -25.05 7.29 4.43
C TRP A 274 -26.25 7.80 5.22
N TYR A 275 -25.96 8.46 6.33
CA TYR A 275 -26.98 9.00 7.21
C TYR A 275 -26.91 10.53 7.22
N SER A 276 -28.08 11.17 7.30
CA SER A 276 -28.17 12.62 7.32
C SER A 276 -29.04 13.05 8.49
N TYR A 277 -29.02 14.36 8.78
CA TYR A 277 -29.77 14.89 9.89
C TYR A 277 -30.14 16.36 9.66
N ASP A 278 -31.36 16.72 10.05
CA ASP A 278 -31.86 18.09 9.94
C ASP A 278 -32.03 18.64 11.34
N PRO A 279 -31.14 19.51 11.81
CA PRO A 279 -31.30 20.04 13.18
C PRO A 279 -32.59 20.80 13.39
N LYS A 280 -33.06 21.54 12.38
CA LYS A 280 -34.30 22.30 12.53
C LYS A 280 -35.49 21.36 12.68
N LEU A 281 -35.61 20.37 11.80
CA LEU A 281 -36.72 19.44 11.86
C LEU A 281 -36.50 18.35 12.91
N ASP A 282 -35.27 18.17 13.38
CA ASP A 282 -34.94 17.15 14.36
C ASP A 282 -35.28 15.76 13.81
N LEU A 283 -34.75 15.46 12.63
CA LEU A 283 -35.02 14.19 11.96
C LEU A 283 -33.75 13.60 11.38
N ILE A 284 -33.58 12.29 11.56
CA ILE A 284 -32.45 11.55 11.01
C ILE A 284 -32.96 10.87 9.74
N TYR A 285 -32.13 10.85 8.71
CA TYR A 285 -32.52 10.25 7.43
C TYR A 285 -31.58 9.09 7.08
N TYR A 286 -32.18 7.93 6.81
CA TYR A 286 -31.46 6.73 6.44
C TYR A 286 -32.39 5.87 5.61
N ASN A 287 -31.81 5.00 4.78
CA ASN A 287 -32.59 4.12 3.92
C ASN A 287 -32.15 2.68 4.08
N THR A 288 -33.08 1.77 3.81
CA THR A 288 -32.85 0.33 3.93
C THR A 288 -32.49 -0.29 2.58
N GLY A 289 -31.87 -1.47 2.65
CA GLY A 289 -31.43 -2.19 1.48
C GLY A 289 -32.45 -3.14 0.91
N ASN A 290 -31.95 -4.08 0.09
CA ASN A 290 -32.80 -5.07 -0.55
C ASN A 290 -33.41 -6.02 0.48
N PRO A 291 -34.53 -6.65 0.15
CA PRO A 291 -35.21 -7.55 1.10
C PRO A 291 -34.61 -8.93 1.31
N GLY A 292 -33.37 -9.17 0.88
CA GLY A 292 -32.75 -10.47 1.08
C GLY A 292 -32.22 -11.16 -0.16
N LEU A 293 -32.72 -12.37 -0.42
CA LEU A 293 -32.30 -13.13 -1.60
C LEU A 293 -32.77 -12.46 -2.88
N TRP A 294 -32.04 -12.74 -3.97
CA TRP A 294 -32.31 -12.17 -5.28
C TRP A 294 -33.23 -13.03 -6.14
N SER A 295 -33.94 -13.99 -5.55
CA SER A 295 -34.88 -14.86 -6.28
C SER A 295 -36.29 -14.41 -5.88
N PRO A 296 -36.82 -13.39 -6.54
CA PRO A 296 -38.14 -12.84 -6.16
C PRO A 296 -39.25 -13.84 -5.92
N SER A 297 -39.28 -14.99 -6.60
CA SER A 297 -40.38 -15.92 -6.36
C SER A 297 -40.40 -16.44 -4.92
N TYR A 298 -39.31 -16.29 -4.18
CA TYR A 298 -39.28 -16.74 -2.79
C TYR A 298 -39.71 -15.66 -1.81
N ARG A 299 -39.92 -14.43 -2.28
CA ARG A 299 -40.36 -13.33 -1.43
C ARG A 299 -41.83 -12.98 -1.67
N THR A 300 -42.59 -13.95 -2.18
CA THR A 300 -44.02 -13.84 -2.49
C THR A 300 -44.54 -15.26 -2.71
N GLU A 301 -45.83 -15.45 -2.45
CA GLU A 301 -46.40 -16.77 -2.66
C GLU A 301 -47.20 -16.83 -3.96
N ALA A 302 -47.09 -15.79 -4.79
CA ALA A 302 -47.75 -15.71 -6.08
C ALA A 302 -46.87 -16.40 -7.13
N LYS A 303 -47.51 -16.89 -8.20
CA LYS A 303 -46.79 -17.60 -9.24
C LYS A 303 -46.43 -16.78 -10.48
N THR A 304 -46.91 -15.53 -10.59
CA THR A 304 -46.59 -14.71 -11.75
C THR A 304 -46.15 -13.32 -11.30
N HIS A 305 -45.45 -12.64 -12.22
CA HIS A 305 -44.96 -11.29 -11.95
C HIS A 305 -46.11 -10.33 -11.68
N GLU A 306 -47.21 -10.47 -12.41
CA GLU A 306 -48.36 -9.59 -12.21
C GLU A 306 -48.99 -9.81 -10.84
N GLU A 307 -49.28 -11.06 -10.51
CA GLU A 307 -49.90 -11.34 -9.21
C GLU A 307 -48.97 -10.97 -8.06
N ALA A 308 -47.67 -11.25 -8.21
CA ALA A 308 -46.72 -10.92 -7.15
C ALA A 308 -46.62 -9.42 -6.93
N ASN A 309 -46.79 -8.62 -7.97
CA ASN A 309 -46.69 -7.18 -7.86
C ASN A 309 -48.01 -6.50 -7.50
N GLU A 310 -48.99 -7.25 -7.00
CA GLU A 310 -50.23 -6.63 -6.59
C GLU A 310 -49.94 -5.70 -5.42
N PRO A 311 -50.43 -4.46 -5.45
CA PRO A 311 -50.12 -3.51 -4.36
C PRO A 311 -50.53 -4.02 -2.99
N TRP A 312 -49.68 -3.71 -2.01
CA TRP A 312 -49.85 -4.05 -0.59
C TRP A 312 -49.81 -5.54 -0.31
N LYS A 313 -49.49 -6.37 -1.31
CA LYS A 313 -49.46 -7.81 -1.05
C LYS A 313 -48.06 -8.33 -0.72
N TRP A 314 -47.08 -8.05 -1.59
CA TRP A 314 -45.71 -8.53 -1.38
C TRP A 314 -44.70 -7.41 -1.55
N ASP A 315 -45.00 -6.26 -0.94
CA ASP A 315 -44.13 -5.09 -1.04
C ASP A 315 -42.76 -5.35 -0.42
N ASN A 316 -42.68 -6.23 0.58
CA ASN A 316 -41.43 -6.54 1.28
C ASN A 316 -40.97 -5.33 2.10
N LYS A 317 -41.93 -4.61 2.66
CA LYS A 317 -41.66 -3.45 3.51
C LYS A 317 -41.10 -3.95 4.84
N TRP A 318 -40.22 -3.16 5.43
CA TRP A 318 -39.83 -1.85 4.90
C TRP A 318 -38.46 -1.80 4.22
N SER A 319 -38.17 -2.80 3.40
CA SER A 319 -36.94 -2.75 2.63
C SER A 319 -37.08 -1.68 1.55
N MET A 320 -35.95 -1.18 1.05
CA MET A 320 -35.96 -0.15 0.00
C MET A 320 -36.73 1.08 0.43
N THR A 321 -36.65 1.44 1.71
CA THR A 321 -37.42 2.56 2.23
C THR A 321 -36.56 3.70 2.77
N ILE A 322 -36.99 4.92 2.48
CA ILE A 322 -36.35 6.13 2.98
C ILE A 322 -37.06 6.44 4.29
N PHE A 323 -36.31 6.51 5.39
CA PHE A 323 -36.90 6.74 6.70
C PHE A 323 -36.47 8.07 7.32
N ALA A 324 -37.43 8.72 7.98
CA ALA A 324 -37.22 9.97 8.71
C ALA A 324 -37.61 9.64 10.15
N ARG A 325 -36.64 9.66 11.05
CA ARG A 325 -36.88 9.29 12.44
C ARG A 325 -36.43 10.36 13.42
N LYS A 326 -37.03 10.31 14.61
CA LYS A 326 -36.69 11.23 15.69
C LYS A 326 -35.48 10.66 16.43
N PRO A 327 -34.40 11.42 16.58
CA PRO A 327 -33.21 10.87 17.26
C PRO A 327 -33.41 10.44 18.71
N ASP A 328 -34.25 11.15 19.47
CA ASP A 328 -34.41 10.82 20.88
C ASP A 328 -35.12 9.48 21.10
N THR A 329 -36.14 9.18 20.31
CA THR A 329 -36.88 7.93 20.49
C THR A 329 -36.74 6.93 19.35
N GLY A 330 -36.42 7.39 18.14
CA GLY A 330 -36.30 6.51 17.01
C GLY A 330 -37.59 6.29 16.25
N GLU A 331 -38.71 6.80 16.76
CA GLU A 331 -39.97 6.61 16.06
C GLU A 331 -39.91 7.30 14.70
N ALA A 332 -40.55 6.69 13.71
CA ALA A 332 -40.52 7.20 12.34
C ALA A 332 -41.67 8.17 12.08
N VAL A 333 -41.33 9.32 11.52
CA VAL A 333 -42.33 10.32 11.17
C VAL A 333 -42.92 10.03 9.80
N TRP A 334 -42.10 9.51 8.87
CA TRP A 334 -42.58 9.16 7.55
C TRP A 334 -41.61 8.17 6.92
N GLY A 335 -42.13 7.36 6.00
CA GLY A 335 -41.33 6.37 5.32
C GLY A 335 -41.89 6.08 3.94
N TYR A 336 -41.03 6.12 2.92
CA TYR A 336 -41.44 5.89 1.53
C TYR A 336 -40.62 4.76 0.93
N GLN A 337 -41.30 3.71 0.48
CA GLN A 337 -40.63 2.57 -0.15
C GLN A 337 -40.54 2.85 -1.64
N MET A 338 -39.32 3.06 -2.13
CA MET A 338 -39.12 3.37 -3.54
C MET A 338 -39.32 2.16 -4.45
N THR A 339 -38.89 0.97 -4.02
CA THR A 339 -38.97 -0.23 -4.84
C THR A 339 -39.68 -1.38 -4.14
N PRO A 340 -41.01 -1.42 -4.17
CA PRO A 340 -41.72 -2.53 -3.55
C PRO A 340 -41.46 -3.81 -4.32
N PHE A 341 -41.35 -4.92 -3.57
CA PHE A 341 -41.08 -6.25 -4.13
C PHE A 341 -39.88 -6.19 -5.07
N ASP A 342 -38.72 -5.95 -4.47
CA ASP A 342 -37.49 -5.86 -5.23
C ASP A 342 -37.23 -7.10 -6.06
N GLN A 343 -36.75 -6.88 -7.28
CA GLN A 343 -36.43 -7.96 -8.19
C GLN A 343 -35.07 -7.71 -8.85
N TRP A 344 -34.27 -6.78 -8.33
CA TRP A 344 -33.00 -6.47 -8.97
C TRP A 344 -31.87 -6.17 -7.99
N ASP A 345 -32.13 -6.22 -6.67
CA ASP A 345 -31.14 -5.85 -5.65
C ASP A 345 -30.78 -4.37 -5.79
N TYR A 346 -31.80 -3.53 -5.84
CA TYR A 346 -31.64 -2.08 -5.98
C TYR A 346 -31.63 -1.39 -4.62
N ASP A 347 -30.64 -1.75 -3.78
CA ASP A 347 -30.51 -1.19 -2.44
C ASP A 347 -30.78 0.31 -2.43
N GLY A 348 -31.66 0.73 -1.53
CA GLY A 348 -32.02 2.12 -1.43
C GLY A 348 -31.20 2.95 -0.47
N ILE A 349 -30.15 2.36 0.12
CA ILE A 349 -29.30 3.00 1.11
C ILE A 349 -28.57 4.25 0.65
N ASN A 350 -28.59 4.60 -0.63
CA ASN A 350 -27.80 5.75 -1.08
C ASN A 350 -28.10 7.00 -0.26
N GLU A 351 -27.10 7.87 -0.17
CA GLU A 351 -27.17 9.10 0.62
C GLU A 351 -28.41 9.93 0.31
N ASP A 352 -28.84 10.68 1.32
CA ASP A 352 -29.99 11.58 1.25
C ASP A 352 -29.46 12.99 1.53
N VAL A 353 -29.22 13.75 0.48
CA VAL A 353 -28.71 15.11 0.63
C VAL A 353 -29.87 16.06 0.91
N LEU A 354 -29.75 16.83 1.99
CA LEU A 354 -30.79 17.77 2.41
C LEU A 354 -30.46 19.18 1.97
N VAL A 355 -31.28 19.75 1.08
CA VAL A 355 -31.09 21.10 0.58
C VAL A 355 -32.46 21.73 0.37
N ASP A 356 -32.46 23.06 0.36
CA ASP A 356 -33.67 23.84 0.11
C ASP A 356 -33.63 24.24 -1.36
N ILE A 357 -34.66 23.86 -2.11
CA ILE A 357 -34.72 24.12 -3.55
C ILE A 357 -35.98 24.90 -3.89
N THR A 358 -35.81 25.91 -4.74
CA THR A 358 -36.94 26.71 -5.22
C THR A 358 -37.54 25.95 -6.38
N VAL A 359 -38.70 25.33 -6.15
CA VAL A 359 -39.35 24.53 -7.18
C VAL A 359 -40.86 24.59 -6.94
N ASP A 360 -41.61 24.52 -8.04
CA ASP A 360 -43.07 24.56 -8.02
C ASP A 360 -43.59 25.81 -7.34
N GLY A 361 -42.94 26.95 -7.59
CA GLY A 361 -43.36 28.23 -7.07
C GLY A 361 -42.77 28.69 -5.75
N SER A 362 -41.99 27.87 -5.05
CA SER A 362 -41.44 28.34 -3.78
C SER A 362 -40.24 27.50 -3.37
N LYS A 363 -39.60 27.93 -2.27
CA LYS A 363 -38.44 27.27 -1.70
C LYS A 363 -38.93 26.19 -0.74
N LYS A 364 -38.68 24.92 -1.09
CA LYS A 364 -39.15 23.85 -0.23
C LYS A 364 -38.00 23.05 0.35
N PRO A 365 -38.15 22.55 1.58
CA PRO A 365 -37.09 21.74 2.19
C PRO A 365 -37.08 20.39 1.49
N CYS A 366 -36.05 20.12 0.69
CA CYS A 366 -35.98 18.89 -0.08
C CYS A 366 -34.92 17.92 0.42
N LEU A 367 -35.03 16.73 -0.15
CA LEU A 367 -34.14 15.60 0.09
C LEU A 367 -33.88 15.02 -1.29
N VAL A 368 -32.64 15.07 -1.75
CA VAL A 368 -32.26 14.55 -3.05
C VAL A 368 -31.60 13.19 -2.84
N HIS A 369 -31.99 12.21 -3.65
CA HIS A 369 -31.45 10.87 -3.46
C HIS A 369 -31.32 10.13 -4.79
N PHE A 370 -30.08 9.89 -5.20
CA PHE A 370 -29.77 9.15 -6.43
C PHE A 370 -29.79 7.68 -6.02
N ASP A 371 -30.93 7.02 -6.22
CA ASP A 371 -31.10 5.62 -5.85
C ASP A 371 -30.44 4.68 -6.86
N ARG A 372 -30.18 3.46 -6.40
CA ARG A 372 -29.60 2.44 -7.27
C ARG A 372 -30.58 1.99 -8.35
N ASN A 373 -31.89 2.13 -8.10
CA ASN A 373 -32.85 1.73 -9.13
C ASN A 373 -32.80 2.62 -10.36
N GLY A 374 -32.03 3.70 -10.35
CA GLY A 374 -31.89 4.59 -11.48
C GLY A 374 -32.72 5.85 -11.44
N PHE A 375 -33.49 6.08 -10.38
CA PHE A 375 -34.31 7.27 -10.28
C PHE A 375 -33.69 8.23 -9.26
N CYS A 376 -33.64 9.51 -9.63
CA CYS A 376 -33.12 10.55 -8.74
C CYS A 376 -34.35 11.12 -8.05
N TYR A 377 -34.55 10.77 -6.79
CA TYR A 377 -35.71 11.21 -6.04
C TYR A 377 -35.48 12.56 -5.36
N VAL A 378 -36.47 13.43 -5.48
CA VAL A 378 -36.48 14.74 -4.84
C VAL A 378 -37.75 14.75 -4.01
N LEU A 379 -37.62 14.64 -2.70
CA LEU A 379 -38.77 14.59 -1.81
C LEU A 379 -38.75 15.73 -0.79
N ASN A 380 -39.94 16.06 -0.30
CA ASN A 380 -40.08 17.07 0.74
C ASN A 380 -39.65 16.39 2.04
N ARG A 381 -38.51 16.82 2.58
CA ARG A 381 -37.98 16.17 3.78
C ARG A 381 -38.88 16.27 5.00
N THR A 382 -39.89 17.15 5.00
CA THR A 382 -40.75 17.21 6.18
C THR A 382 -41.74 16.04 6.22
N ASP A 383 -42.30 15.66 5.07
CA ASP A 383 -43.28 14.58 5.04
C ASP A 383 -43.07 13.56 3.93
N GLY A 384 -41.97 13.64 3.20
CA GLY A 384 -41.72 12.66 2.15
C GLY A 384 -42.52 12.83 0.87
N THR A 385 -43.16 13.98 0.66
CA THR A 385 -43.92 14.17 -0.57
C THR A 385 -42.98 14.07 -1.76
N ILE A 386 -43.45 13.43 -2.82
CA ILE A 386 -42.64 13.27 -4.02
C ILE A 386 -42.73 14.55 -4.85
N ILE A 387 -41.59 15.21 -5.04
CA ILE A 387 -41.53 16.41 -5.85
C ILE A 387 -41.10 16.09 -7.28
N ARG A 388 -40.10 15.23 -7.42
CA ARG A 388 -39.59 14.81 -8.71
C ARG A 388 -39.03 13.40 -8.59
N ALA A 389 -39.05 12.68 -9.71
CA ALA A 389 -38.49 11.33 -9.82
C ALA A 389 -38.02 11.21 -11.27
N ASN A 390 -36.77 11.56 -11.51
CA ASN A 390 -36.19 11.55 -12.83
C ASN A 390 -35.11 10.47 -12.96
N LYS A 391 -35.03 9.89 -14.15
CA LYS A 391 -34.03 8.86 -14.43
C LYS A 391 -32.70 9.54 -14.71
N PHE A 392 -31.67 9.23 -13.92
CA PHE A 392 -30.36 9.83 -14.15
C PHE A 392 -29.45 8.92 -14.98
N VAL A 393 -29.91 7.72 -15.34
CA VAL A 393 -29.18 6.77 -16.16
C VAL A 393 -30.22 6.00 -16.97
N THR A 394 -29.78 5.10 -17.83
CA THR A 394 -30.71 4.30 -18.60
C THR A 394 -31.45 3.35 -17.65
N VAL A 395 -32.78 3.39 -17.68
CA VAL A 395 -33.62 2.56 -16.81
C VAL A 395 -34.71 1.93 -17.67
N ASN A 396 -34.74 0.60 -17.72
CA ASN A 396 -35.76 -0.09 -18.49
C ASN A 396 -36.67 -1.00 -17.65
N TRP A 397 -36.41 -1.14 -16.35
CA TRP A 397 -37.25 -1.97 -15.50
C TRP A 397 -38.52 -1.26 -15.05
N ALA A 398 -38.55 0.07 -15.14
CA ALA A 398 -39.70 0.87 -14.75
C ALA A 398 -39.90 1.99 -15.75
N GLU A 399 -41.15 2.23 -16.13
CA GLU A 399 -41.40 3.31 -17.07
C GLU A 399 -41.26 4.66 -16.40
N LYS A 400 -41.75 4.79 -15.17
CA LYS A 400 -41.72 6.02 -14.41
C LYS A 400 -42.19 5.71 -13.00
N ILE A 401 -42.34 6.75 -12.20
CA ILE A 401 -42.86 6.65 -10.85
C ILE A 401 -44.18 7.41 -10.87
N ASP A 402 -45.26 6.76 -10.45
CA ASP A 402 -46.56 7.41 -10.43
C ASP A 402 -46.68 8.27 -9.18
N MET A 403 -47.04 9.55 -9.35
CA MET A 403 -47.18 10.40 -8.17
C MET A 403 -48.35 9.98 -7.31
N LYS A 404 -49.48 9.68 -7.93
CA LYS A 404 -50.69 9.35 -7.18
C LYS A 404 -50.50 8.10 -6.32
N THR A 405 -49.84 7.05 -6.84
CA THR A 405 -49.62 5.86 -6.04
C THR A 405 -48.24 5.82 -5.41
N GLY A 406 -47.27 6.58 -5.93
CA GLY A 406 -45.93 6.57 -5.39
C GLY A 406 -45.15 5.32 -5.68
N ARG A 407 -45.72 4.37 -6.46
CA ARG A 407 -45.21 3.08 -6.87
C ARG A 407 -44.68 3.12 -8.30
N PRO A 408 -43.65 2.32 -8.58
CA PRO A 408 -43.08 2.29 -9.93
C PRO A 408 -43.95 1.52 -10.90
N VAL A 409 -43.96 1.97 -12.15
CA VAL A 409 -44.69 1.30 -13.22
C VAL A 409 -43.68 0.32 -13.81
N LYS A 410 -43.70 -0.90 -13.28
CA LYS A 410 -42.75 -1.93 -13.66
C LYS A 410 -42.95 -2.44 -15.08
N VAL A 411 -41.84 -2.90 -15.66
CA VAL A 411 -41.77 -3.47 -16.99
C VAL A 411 -41.49 -4.96 -16.81
N LYS A 412 -42.44 -5.80 -17.24
CA LYS A 412 -42.34 -7.24 -17.04
C LYS A 412 -41.10 -7.85 -17.71
N GLU A 413 -40.88 -7.57 -18.99
CA GLU A 413 -39.75 -8.16 -19.71
C GLU A 413 -38.39 -7.80 -19.12
N HIS A 414 -38.33 -6.87 -18.16
CA HIS A 414 -37.06 -6.51 -17.53
C HIS A 414 -37.11 -6.69 -16.03
N SER A 415 -38.04 -7.51 -15.55
CA SER A 415 -38.20 -7.79 -14.12
C SER A 415 -37.96 -9.28 -13.89
N PRO A 416 -36.81 -9.67 -13.36
CA PRO A 416 -36.55 -11.10 -13.12
C PRO A 416 -37.52 -11.68 -12.10
N PHE A 417 -38.25 -12.72 -12.49
CA PHE A 417 -39.15 -13.31 -11.52
C PHE A 417 -39.01 -14.81 -11.33
N GLU A 418 -39.23 -15.58 -12.39
CA GLU A 418 -39.20 -17.03 -12.30
C GLU A 418 -37.80 -17.60 -12.22
N VAL A 419 -37.73 -18.81 -11.67
CA VAL A 419 -36.48 -19.54 -11.51
C VAL A 419 -36.04 -20.09 -12.87
N GLY A 420 -34.79 -19.85 -13.22
CA GLY A 420 -34.28 -20.36 -14.47
C GLY A 420 -34.50 -19.53 -15.71
N LYS A 421 -34.89 -18.26 -15.57
CA LYS A 421 -35.11 -17.40 -16.72
C LYS A 421 -34.22 -16.16 -16.59
N ALA A 422 -33.18 -16.11 -17.43
CA ALA A 422 -32.29 -14.95 -17.41
C ALA A 422 -33.07 -13.75 -17.93
N VAL A 423 -33.09 -12.66 -17.16
CA VAL A 423 -33.80 -11.45 -17.51
C VAL A 423 -32.83 -10.28 -17.51
N GLN A 424 -32.79 -9.54 -18.62
CA GLN A 424 -31.90 -8.39 -18.75
C GLN A 424 -32.51 -7.17 -18.07
N ALA A 425 -31.67 -6.38 -17.41
CA ALA A 425 -32.18 -5.19 -16.75
C ALA A 425 -31.16 -4.07 -16.68
N TYR A 426 -31.64 -2.86 -16.94
CA TYR A 426 -30.98 -1.55 -16.89
C TYR A 426 -31.56 -0.72 -15.75
N PRO A 427 -30.77 -0.38 -14.72
CA PRO A 427 -29.36 -0.78 -14.60
C PRO A 427 -29.17 -2.13 -13.94
N SER A 428 -27.90 -2.54 -13.80
CA SER A 428 -27.58 -3.80 -13.16
C SER A 428 -27.83 -3.71 -11.67
N ALA A 429 -27.52 -4.79 -10.96
CA ALA A 429 -27.70 -4.81 -9.51
C ALA A 429 -26.91 -3.69 -8.85
N MET A 430 -25.77 -3.32 -9.45
CA MET A 430 -24.96 -2.23 -8.90
C MET A 430 -25.64 -0.89 -9.08
N GLY A 431 -26.75 -0.84 -9.83
CA GLY A 431 -27.55 0.34 -10.05
C GLY A 431 -26.95 1.53 -10.76
N GLY A 432 -27.76 2.57 -10.95
CA GLY A 432 -27.29 3.78 -11.60
C GLY A 432 -26.20 4.45 -10.81
N LYS A 433 -26.15 4.19 -9.50
CA LYS A 433 -25.14 4.72 -8.59
C LYS A 433 -25.15 3.94 -7.29
N ASP A 434 -24.01 3.37 -6.93
CA ASP A 434 -23.86 2.63 -5.69
C ASP A 434 -23.59 3.62 -4.57
N GLN A 435 -22.91 3.18 -3.51
CA GLN A 435 -22.60 4.02 -2.37
C GLN A 435 -21.72 5.24 -2.65
N GLN A 436 -21.04 5.36 -3.81
CA GLN A 436 -20.19 6.55 -4.03
C GLN A 436 -21.04 7.80 -3.89
N PRO A 437 -20.78 8.66 -2.91
CA PRO A 437 -21.63 9.84 -2.69
C PRO A 437 -21.49 10.95 -3.72
N VAL A 438 -22.61 11.68 -3.87
CA VAL A 438 -22.75 12.82 -4.77
C VAL A 438 -22.40 14.09 -4.01
N ALA A 439 -22.22 15.19 -4.72
CA ALA A 439 -21.90 16.47 -4.12
C ALA A 439 -22.81 17.55 -4.68
N VAL A 440 -23.18 18.51 -3.84
CA VAL A 440 -24.02 19.61 -4.28
C VAL A 440 -23.63 20.88 -3.55
N ASP A 441 -23.73 22.00 -4.26
CA ASP A 441 -23.45 23.32 -3.71
C ASP A 441 -24.80 23.92 -3.35
N PRO A 442 -25.10 24.15 -2.07
CA PRO A 442 -26.42 24.73 -1.73
C PRO A 442 -26.68 26.05 -2.42
N LYS A 443 -25.64 26.74 -2.90
CA LYS A 443 -25.84 28.00 -3.61
C LYS A 443 -26.67 27.76 -4.88
N GLU A 444 -26.47 26.61 -5.52
CA GLU A 444 -27.20 26.18 -6.71
C GLU A 444 -27.71 24.78 -6.37
N PRO A 445 -28.67 24.69 -5.46
CA PRO A 445 -29.15 23.38 -4.99
C PRO A 445 -29.76 22.47 -6.05
N ASN A 446 -30.10 22.97 -7.23
CA ASN A 446 -30.69 22.09 -8.22
C ASN A 446 -29.67 21.29 -9.02
N VAL A 447 -28.38 21.68 -8.98
CA VAL A 447 -27.34 21.00 -9.74
C VAL A 447 -26.53 20.11 -8.81
N PHE A 448 -26.48 18.82 -9.13
CA PHE A 448 -25.75 17.82 -8.36
C PHE A 448 -24.64 17.22 -9.21
N TYR A 449 -23.47 17.05 -8.61
CA TYR A 449 -22.31 16.44 -9.26
C TYR A 449 -22.33 15.00 -8.79
N ALA A 450 -22.77 14.10 -9.67
CA ALA A 450 -22.95 12.70 -9.30
C ALA A 450 -22.24 11.68 -10.17
N PRO A 451 -21.50 10.75 -9.57
CA PRO A 451 -20.88 9.67 -10.35
C PRO A 451 -21.99 8.70 -10.72
N THR A 452 -21.81 7.98 -11.83
CA THR A 452 -22.85 7.04 -12.23
C THR A 452 -22.27 5.77 -12.85
N ASN A 453 -23.02 4.68 -12.69
CA ASN A 453 -22.70 3.38 -13.26
C ASN A 453 -23.55 3.23 -14.51
N ASN A 454 -22.96 2.71 -15.59
CA ASN A 454 -23.69 2.60 -16.85
C ASN A 454 -23.53 1.22 -17.49
N TRP A 455 -23.89 0.18 -16.74
CA TRP A 455 -23.83 -1.17 -17.25
C TRP A 455 -25.09 -1.92 -16.81
N GLY A 456 -25.48 -2.91 -17.60
CA GLY A 456 -26.65 -3.72 -17.33
C GLY A 456 -26.30 -5.13 -16.90
N MET A 457 -27.35 -5.94 -16.70
CA MET A 457 -27.14 -7.31 -16.29
C MET A 457 -28.21 -8.20 -16.86
N THR A 458 -27.99 -9.50 -16.70
CA THR A 458 -28.90 -10.58 -17.12
C THR A 458 -28.96 -11.46 -15.87
N LEU A 459 -29.96 -11.23 -15.03
CA LEU A 459 -30.12 -11.95 -13.77
C LEU A 459 -30.99 -13.18 -13.94
N GLU A 460 -30.47 -14.34 -13.54
CA GLU A 460 -31.22 -15.58 -13.65
C GLU A 460 -31.52 -16.13 -12.27
N PRO A 461 -32.75 -15.99 -11.77
CA PRO A 461 -33.06 -16.51 -10.44
C PRO A 461 -32.88 -18.02 -10.40
N MET A 462 -32.51 -18.54 -9.23
CA MET A 462 -32.27 -19.95 -9.07
C MET A 462 -33.00 -20.48 -7.84
N GLU A 463 -33.02 -21.81 -7.73
CA GLU A 463 -33.69 -22.47 -6.61
C GLU A 463 -32.99 -22.14 -5.29
N ARG A 464 -33.78 -21.98 -4.23
CA ARG A 464 -33.22 -21.67 -2.91
C ARG A 464 -32.67 -22.96 -2.30
N ALA A 465 -31.36 -23.00 -2.12
CA ALA A 465 -30.71 -24.20 -1.58
C ALA A 465 -30.74 -24.28 -0.06
N HIS A 466 -30.98 -23.18 0.64
CA HIS A 466 -31.01 -23.22 2.10
C HIS A 466 -31.68 -21.97 2.65
N THR A 467 -31.94 -21.99 3.96
CA THR A 467 -32.53 -20.89 4.69
C THR A 467 -31.70 -20.56 5.92
N ASN A 468 -30.38 -20.75 5.83
CA ASN A 468 -29.48 -20.51 6.94
C ASN A 468 -28.95 -19.08 6.93
N GLN A 469 -29.28 -18.33 7.98
CA GLN A 469 -28.79 -16.98 8.11
C GLN A 469 -27.29 -17.02 8.37
N GLY A 470 -26.58 -16.01 7.87
CA GLY A 470 -25.15 -15.98 8.04
C GLY A 470 -24.36 -16.57 6.89
N SER A 471 -25.02 -17.27 5.98
CA SER A 471 -24.41 -17.87 4.80
C SER A 471 -24.86 -17.07 3.59
N VAL A 472 -24.15 -17.23 2.48
CA VAL A 472 -24.52 -16.50 1.26
C VAL A 472 -25.97 -16.84 0.94
N TYR A 473 -26.82 -15.80 0.86
CA TYR A 473 -28.26 -15.94 0.61
C TYR A 473 -28.64 -15.05 -0.56
N VAL A 474 -28.39 -15.52 -1.78
CA VAL A 474 -28.69 -14.76 -3.00
C VAL A 474 -29.53 -15.59 -3.95
N PHE A 475 -28.98 -16.72 -4.40
CA PHE A 475 -29.65 -17.65 -5.32
C PHE A 475 -30.04 -16.96 -6.64
N ALA A 476 -28.99 -16.57 -7.37
CA ALA A 476 -29.18 -15.92 -8.67
C ALA A 476 -27.84 -15.87 -9.40
N ASN A 477 -27.87 -16.16 -10.69
CA ASN A 477 -26.68 -16.11 -11.54
C ASN A 477 -26.74 -14.78 -12.27
N VAL A 478 -25.74 -13.92 -12.04
CA VAL A 478 -25.68 -12.58 -12.58
C VAL A 478 -24.52 -12.43 -13.56
N LEU A 479 -24.75 -11.68 -14.64
CA LEU A 479 -23.77 -11.36 -15.67
C LEU A 479 -23.90 -9.88 -15.97
N MET A 480 -22.79 -9.15 -16.03
CA MET A 480 -22.84 -7.72 -16.28
C MET A 480 -22.08 -7.35 -17.56
N LYS A 481 -22.56 -6.28 -18.20
CA LYS A 481 -21.98 -5.78 -19.43
C LYS A 481 -22.26 -4.30 -19.57
N PRO A 482 -21.27 -3.50 -19.94
CA PRO A 482 -21.49 -2.06 -20.10
C PRO A 482 -22.54 -1.78 -21.17
N GLU A 483 -23.33 -0.72 -20.94
CA GLU A 483 -24.37 -0.36 -21.90
C GLU A 483 -23.76 0.10 -23.22
N LYS A 484 -22.63 0.78 -23.16
CA LYS A 484 -21.95 1.30 -24.33
C LYS A 484 -20.48 0.90 -24.26
N PRO A 485 -19.92 0.33 -25.32
CA PRO A 485 -18.50 -0.06 -25.28
C PRO A 485 -17.61 1.14 -25.05
N GLY A 486 -16.55 0.94 -24.27
CA GLY A 486 -15.62 2.00 -23.96
C GLY A 486 -16.10 2.97 -22.90
N VAL A 487 -17.27 2.75 -22.33
CA VAL A 487 -17.83 3.63 -21.31
C VAL A 487 -18.43 2.78 -20.19
N MET A 488 -17.94 3.00 -18.97
CA MET A 488 -18.44 2.31 -17.78
C MET A 488 -19.02 3.30 -16.80
N GLY A 489 -18.25 4.30 -16.41
CA GLY A 489 -18.73 5.31 -15.48
C GLY A 489 -18.95 6.63 -16.18
N ARG A 490 -19.68 7.51 -15.51
CA ARG A 490 -19.96 8.84 -16.06
C ARG A 490 -20.12 9.80 -14.91
N PHE A 491 -19.33 10.87 -14.90
CA PHE A 491 -19.43 11.91 -13.88
C PHE A 491 -20.33 12.97 -14.50
N LYS A 492 -21.52 13.14 -13.95
CA LYS A 492 -22.50 14.07 -14.48
C LYS A 492 -22.79 15.24 -13.57
N ALA A 493 -23.24 16.32 -14.21
CA ALA A 493 -23.71 17.54 -13.58
C ALA A 493 -25.20 17.41 -13.91
N PHE A 494 -25.97 16.96 -12.95
CA PHE A 494 -27.38 16.65 -13.14
C PHE A 494 -28.31 17.62 -12.42
N ASP A 495 -29.30 18.13 -13.14
CA ASP A 495 -30.32 19.01 -12.56
C ASP A 495 -31.40 18.10 -12.02
N VAL A 496 -31.51 18.02 -10.69
CA VAL A 496 -32.48 17.14 -10.04
C VAL A 496 -33.92 17.59 -10.19
N ILE A 497 -34.17 18.74 -10.78
CA ILE A 497 -35.52 19.24 -10.98
C ILE A 497 -35.99 18.99 -12.40
N THR A 498 -35.20 19.41 -13.39
CA THR A 498 -35.56 19.20 -14.79
C THR A 498 -35.21 17.80 -15.28
N GLY A 499 -34.42 17.04 -14.53
CA GLY A 499 -34.05 15.71 -14.97
C GLY A 499 -33.08 15.68 -16.13
N LYS A 500 -32.51 16.82 -16.50
CA LYS A 500 -31.55 16.93 -17.60
C LYS A 500 -30.15 17.13 -17.03
N ALA A 501 -29.15 16.67 -17.78
CA ALA A 501 -27.75 16.78 -17.37
C ALA A 501 -27.11 18.01 -17.99
N ARG A 502 -26.42 18.80 -17.15
CA ARG A 502 -25.72 19.96 -17.67
C ARG A 502 -24.57 19.50 -18.57
N TRP A 503 -23.82 18.51 -18.12
CA TRP A 503 -22.73 17.92 -18.88
C TRP A 503 -22.51 16.49 -18.40
N ASP A 504 -21.95 15.67 -19.29
CA ASP A 504 -21.72 14.26 -19.03
C ASP A 504 -20.28 13.92 -19.41
N ILE A 505 -19.53 13.39 -18.47
CA ILE A 505 -18.14 13.01 -18.70
C ILE A 505 -18.07 11.48 -18.73
N PRO A 506 -17.85 10.86 -19.90
CA PRO A 506 -17.76 9.40 -19.96
C PRO A 506 -16.39 8.92 -19.51
N GLU A 507 -16.38 7.83 -18.74
CA GLU A 507 -15.13 7.25 -18.25
C GLU A 507 -15.08 5.78 -18.65
N ARG A 508 -13.93 5.34 -19.16
CA ARG A 508 -13.81 3.94 -19.55
C ARG A 508 -13.77 3.00 -18.35
N PHE A 509 -13.50 3.52 -17.16
CA PHE A 509 -13.47 2.76 -15.94
C PHE A 509 -14.58 3.29 -15.04
N PRO A 510 -15.07 2.49 -14.10
CA PRO A 510 -16.15 2.97 -13.23
C PRO A 510 -15.72 4.18 -12.42
N THR A 511 -16.69 5.03 -12.13
CA THR A 511 -16.50 6.22 -11.30
C THR A 511 -17.05 5.84 -9.93
N TRP A 512 -16.27 5.04 -9.20
CA TRP A 512 -16.64 4.53 -7.89
C TRP A 512 -16.18 5.41 -6.74
N SER A 513 -15.79 6.65 -7.02
CA SER A 513 -15.33 7.55 -5.97
C SER A 513 -16.41 8.60 -5.72
N GLY A 514 -16.44 9.10 -4.49
CA GLY A 514 -17.38 10.15 -4.18
C GLY A 514 -16.98 11.44 -4.87
N ALA A 515 -17.89 12.40 -4.85
CA ALA A 515 -17.64 13.68 -5.48
C ALA A 515 -17.37 14.76 -4.43
N LEU A 516 -16.72 15.82 -4.87
CA LEU A 516 -16.43 16.97 -4.03
C LEU A 516 -16.58 18.21 -4.90
N VAL A 517 -17.35 19.18 -4.42
CA VAL A 517 -17.58 20.43 -5.14
C VAL A 517 -17.09 21.57 -4.25
N THR A 518 -16.44 22.57 -4.85
CA THR A 518 -15.88 23.69 -4.09
C THR A 518 -16.26 25.03 -4.72
N ASP A 519 -16.20 26.08 -3.88
CA ASP A 519 -16.53 27.42 -4.35
C ASP A 519 -15.46 28.00 -5.25
N GLY A 520 -14.47 27.20 -5.62
CA GLY A 520 -13.43 27.62 -6.54
C GLY A 520 -13.80 27.24 -7.95
N GLY A 521 -15.07 26.89 -8.17
CA GLY A 521 -15.56 26.49 -9.47
C GLY A 521 -15.10 25.12 -9.90
N LEU A 522 -14.75 24.25 -8.96
CA LEU A 522 -14.23 22.93 -9.28
C LEU A 522 -15.03 21.81 -8.64
N ALA A 523 -14.96 20.65 -9.29
CA ALA A 523 -15.59 19.41 -8.84
C ALA A 523 -14.52 18.35 -8.93
N PHE A 524 -14.37 17.55 -7.88
CA PHE A 524 -13.36 16.50 -7.82
C PHE A 524 -13.99 15.11 -7.77
N TYR A 525 -13.31 14.14 -8.40
CA TYR A 525 -13.73 12.75 -8.43
C TYR A 525 -12.58 11.91 -8.96
N GLY A 526 -12.68 10.59 -8.74
CA GLY A 526 -11.65 9.69 -9.18
C GLY A 526 -12.23 8.48 -9.91
N THR A 527 -11.39 7.87 -10.72
CA THR A 527 -11.75 6.70 -11.51
C THR A 527 -11.15 5.43 -10.90
N LEU A 528 -11.70 4.29 -11.31
CA LEU A 528 -11.24 3.01 -10.78
C LEU A 528 -9.83 2.65 -11.25
N ASP A 529 -9.30 3.30 -12.28
CA ASP A 529 -7.94 2.97 -12.69
C ASP A 529 -6.90 3.86 -12.03
N GLY A 530 -7.31 4.73 -11.10
CA GLY A 530 -6.38 5.57 -10.38
C GLY A 530 -6.27 7.02 -10.77
N TRP A 531 -7.10 7.50 -11.69
CA TRP A 531 -7.03 8.89 -12.11
C TRP A 531 -7.83 9.79 -11.17
N PHE A 532 -7.18 10.82 -10.64
CA PHE A 532 -7.82 11.82 -9.77
C PHE A 532 -8.00 13.06 -10.64
N LYS A 533 -9.25 13.48 -10.83
CA LYS A 533 -9.55 14.61 -11.71
C LYS A 533 -10.22 15.79 -11.01
N ALA A 534 -9.95 16.97 -11.58
CA ALA A 534 -10.51 18.24 -11.16
C ALA A 534 -11.16 18.84 -12.41
N VAL A 535 -12.49 18.91 -12.41
CA VAL A 535 -13.20 19.41 -13.57
C VAL A 535 -13.88 20.75 -13.25
N ASP A 536 -14.13 21.51 -14.31
CA ASP A 536 -14.80 22.79 -14.22
C ASP A 536 -16.29 22.56 -13.96
N ARG A 537 -16.82 23.24 -12.94
CA ARG A 537 -18.24 23.08 -12.60
C ARG A 537 -19.16 23.51 -13.74
N LYS A 538 -18.81 24.61 -14.41
CA LYS A 538 -19.67 25.12 -15.48
C LYS A 538 -19.70 24.23 -16.71
N THR A 539 -18.56 23.67 -17.11
CA THR A 539 -18.51 22.87 -18.34
C THR A 539 -18.08 21.42 -18.19
N GLY A 540 -17.50 21.01 -17.07
CA GLY A 540 -17.05 19.64 -16.95
C GLY A 540 -15.71 19.39 -17.61
N LYS A 541 -15.09 20.43 -18.15
CA LYS A 541 -13.79 20.29 -18.80
C LYS A 541 -12.75 19.94 -17.75
N VAL A 542 -11.87 19.00 -18.08
CA VAL A 542 -10.84 18.58 -17.15
C VAL A 542 -9.76 19.65 -17.11
N LEU A 543 -9.47 20.16 -15.90
CA LEU A 543 -8.46 21.19 -15.69
C LEU A 543 -7.22 20.68 -14.98
N TRP A 544 -7.27 19.49 -14.37
CA TRP A 544 -6.14 18.92 -13.66
C TRP A 544 -6.39 17.43 -13.46
N GLN A 545 -5.35 16.62 -13.63
CA GLN A 545 -5.51 15.18 -13.46
C GLN A 545 -4.16 14.51 -13.23
N GLN A 546 -4.16 13.48 -12.38
CA GLN A 546 -2.96 12.72 -12.06
C GLN A 546 -3.36 11.31 -11.71
N LYS A 547 -2.55 10.35 -12.14
CA LYS A 547 -2.81 8.94 -11.87
C LYS A 547 -2.17 8.57 -10.55
N LEU A 548 -2.99 8.18 -9.58
CA LEU A 548 -2.49 7.80 -8.27
C LEU A 548 -2.08 6.33 -8.24
N GLY A 549 -1.65 5.88 -7.07
CA GLY A 549 -1.16 4.51 -6.94
C GLY A 549 -2.17 3.42 -7.24
N SER A 550 -3.45 3.64 -6.91
CA SER A 550 -4.45 2.61 -7.15
C SER A 550 -5.80 3.23 -7.41
N GLY A 551 -6.79 2.37 -7.67
CA GLY A 551 -8.14 2.84 -7.94
C GLY A 551 -8.66 3.69 -6.80
N ILE A 552 -9.35 4.76 -7.15
CA ILE A 552 -9.90 5.71 -6.19
C ILE A 552 -11.36 5.37 -5.91
N ILE A 553 -11.65 4.93 -4.70
CA ILE A 553 -13.03 4.65 -4.30
C ILE A 553 -13.27 5.44 -3.02
N GLY A 554 -12.31 6.31 -2.68
CA GLY A 554 -12.45 7.16 -1.52
C GLY A 554 -13.18 8.44 -1.89
N ASN A 555 -13.55 9.22 -0.87
CA ASN A 555 -14.27 10.47 -1.10
C ASN A 555 -13.33 11.65 -0.90
N PRO A 556 -13.17 12.51 -1.90
CA PRO A 556 -12.26 13.66 -1.73
C PRO A 556 -12.80 14.66 -0.71
N ILE A 557 -11.88 15.30 0.01
CA ILE A 557 -12.23 16.30 1.01
C ILE A 557 -11.39 17.54 0.79
N SER A 558 -11.91 18.67 1.29
CA SER A 558 -11.24 19.96 1.21
C SER A 558 -11.25 20.57 2.59
N TYR A 559 -10.10 21.12 3.00
CA TYR A 559 -9.94 21.71 4.32
C TYR A 559 -8.84 22.76 4.25
N GLU A 560 -8.62 23.45 5.36
CA GLU A 560 -7.60 24.49 5.42
C GLU A 560 -6.75 24.35 6.68
N VAL A 561 -5.44 24.53 6.53
CA VAL A 561 -4.49 24.44 7.64
C VAL A 561 -3.39 25.48 7.42
N GLY A 562 -3.16 26.31 8.43
CA GLY A 562 -2.14 27.34 8.31
C GLY A 562 -2.42 28.33 7.20
N GLY A 563 -3.70 28.59 6.91
CA GLY A 563 -4.07 29.51 5.86
C GLY A 563 -3.93 28.99 4.46
N LYS A 564 -3.74 27.68 4.28
CA LYS A 564 -3.58 27.07 2.98
C LYS A 564 -4.63 25.98 2.80
N GLN A 565 -5.28 25.96 1.63
CA GLN A 565 -6.29 24.97 1.34
C GLN A 565 -5.64 23.69 0.83
N TYR A 566 -6.19 22.55 1.25
CA TYR A 566 -5.66 21.25 0.86
C TYR A 566 -6.79 20.36 0.36
N ILE A 567 -6.43 19.41 -0.50
CA ILE A 567 -7.34 18.44 -1.07
C ILE A 567 -6.77 17.05 -0.78
N SER A 568 -7.55 16.22 -0.10
CA SER A 568 -7.11 14.88 0.26
C SER A 568 -8.13 13.84 -0.18
N VAL A 569 -7.62 12.68 -0.59
CA VAL A 569 -8.46 11.57 -1.03
C VAL A 569 -7.68 10.28 -0.83
N LEU A 570 -8.43 9.19 -0.60
CA LEU A 570 -7.89 7.86 -0.39
C LEU A 570 -7.89 7.08 -1.69
N SER A 571 -6.93 6.17 -1.83
CA SER A 571 -6.80 5.33 -3.03
C SER A 571 -6.57 3.89 -2.60
N GLY A 572 -6.93 2.98 -3.50
CA GLY A 572 -6.82 1.54 -3.33
C GLY A 572 -8.09 0.90 -3.84
N ILE A 573 -7.97 0.08 -4.90
CA ILE A 573 -9.13 -0.53 -5.50
C ILE A 573 -9.83 -1.49 -4.54
N GLY A 574 -11.15 -1.54 -4.64
CA GLY A 574 -11.91 -2.42 -3.77
C GLY A 574 -13.39 -2.23 -3.90
N GLY A 575 -14.10 -2.48 -2.81
CA GLY A 575 -15.53 -2.37 -2.85
C GLY A 575 -16.07 -3.51 -3.71
N TRP A 576 -17.36 -3.47 -3.97
CA TRP A 576 -17.96 -4.52 -4.78
C TRP A 576 -17.39 -4.50 -6.19
N ILE A 577 -17.23 -3.31 -6.77
CA ILE A 577 -16.72 -3.18 -8.14
C ILE A 577 -15.31 -3.76 -8.25
N GLY A 578 -14.50 -3.61 -7.21
CA GLY A 578 -13.14 -4.12 -7.20
C GLY A 578 -12.94 -5.45 -6.49
N LEU A 579 -14.02 -6.09 -6.04
CA LEU A 579 -13.90 -7.37 -5.34
C LEU A 579 -13.16 -8.45 -6.13
N PRO A 580 -13.34 -8.60 -7.45
CA PRO A 580 -12.59 -9.66 -8.15
C PRO A 580 -11.08 -9.51 -8.03
N VAL A 581 -10.60 -8.29 -7.79
CA VAL A 581 -9.17 -8.06 -7.63
C VAL A 581 -8.73 -8.26 -6.18
N THR A 582 -9.46 -7.65 -5.23
CA THR A 582 -9.10 -7.78 -3.83
C THR A 582 -9.30 -9.19 -3.30
N ALA A 583 -10.30 -9.91 -3.79
CA ALA A 583 -10.55 -11.27 -3.34
C ALA A 583 -9.77 -12.30 -4.15
N GLY A 584 -9.08 -11.89 -5.20
CA GLY A 584 -8.34 -12.84 -6.02
C GLY A 584 -9.21 -13.87 -6.68
N LEU A 585 -10.36 -13.44 -7.18
CA LEU A 585 -11.30 -14.35 -7.84
C LEU A 585 -10.76 -14.81 -9.19
N ASP A 586 -11.24 -15.96 -9.62
CA ASP A 586 -10.82 -16.54 -10.89
C ASP A 586 -11.31 -15.65 -12.04
N PRO A 587 -10.42 -15.09 -12.86
CA PRO A 587 -10.87 -14.25 -13.97
C PRO A 587 -11.63 -15.02 -15.05
N ALA A 588 -11.58 -16.35 -15.02
CA ALA A 588 -12.26 -17.20 -15.98
C ALA A 588 -13.67 -17.57 -15.55
N ASP A 589 -14.11 -17.06 -14.39
CA ASP A 589 -15.44 -17.30 -13.83
C ASP A 589 -16.23 -16.01 -13.98
N PRO A 590 -16.94 -15.80 -15.09
CA PRO A 590 -17.70 -14.54 -15.26
C PRO A 590 -18.76 -14.30 -14.21
N TYR A 591 -19.34 -15.35 -13.61
CA TYR A 591 -20.36 -15.20 -12.59
C TYR A 591 -19.81 -14.84 -11.21
N GLY A 592 -18.48 -14.84 -11.03
CA GLY A 592 -17.92 -14.52 -9.74
C GLY A 592 -18.21 -13.09 -9.31
N ALA A 593 -18.12 -12.87 -7.99
CA ALA A 593 -18.39 -11.56 -7.40
C ALA A 593 -19.79 -11.09 -7.74
N LEU A 594 -20.73 -12.04 -7.78
CA LEU A 594 -22.13 -11.78 -8.08
C LEU A 594 -22.28 -11.11 -9.44
N GLY A 595 -21.43 -11.50 -10.40
CA GLY A 595 -21.45 -10.98 -11.75
C GLY A 595 -20.42 -9.94 -12.09
N VAL A 596 -19.70 -9.40 -11.09
CA VAL A 596 -18.70 -8.37 -11.39
C VAL A 596 -17.45 -8.95 -12.03
N SER A 597 -17.08 -10.18 -11.69
CA SER A 597 -15.87 -10.80 -12.23
C SER A 597 -15.80 -10.76 -13.75
N GLY A 598 -16.85 -11.21 -14.43
CA GLY A 598 -16.82 -11.22 -15.89
C GLY A 598 -16.53 -9.86 -16.49
N MET A 599 -17.29 -8.85 -16.06
CA MET A 599 -17.08 -7.49 -16.56
C MET A 599 -15.71 -6.97 -16.16
N ALA A 600 -15.28 -7.28 -14.94
CA ALA A 600 -13.97 -6.85 -14.46
C ALA A 600 -12.84 -7.45 -15.29
N ALA A 601 -12.97 -8.73 -15.64
CA ALA A 601 -11.94 -9.39 -16.42
C ALA A 601 -11.87 -8.84 -17.84
N GLU A 602 -12.99 -8.39 -18.39
CA GLU A 602 -13.02 -7.88 -19.76
C GLU A 602 -12.57 -6.43 -19.87
N ASN A 603 -12.70 -5.62 -18.81
CA ASN A 603 -12.33 -4.22 -18.88
C ASN A 603 -11.01 -3.89 -18.17
N GLY A 604 -10.08 -4.85 -18.15
CA GLY A 604 -8.78 -4.65 -17.56
C GLY A 604 -8.76 -4.29 -16.08
N PHE A 605 -9.68 -4.82 -15.28
CA PHE A 605 -9.65 -4.51 -13.85
C PHE A 605 -8.48 -5.20 -13.15
N TYR A 606 -8.08 -6.38 -13.63
CA TYR A 606 -7.00 -7.12 -13.01
C TYR A 606 -5.64 -6.45 -13.15
N ASN A 607 -5.51 -5.43 -13.99
CA ASN A 607 -4.24 -4.73 -14.14
C ASN A 607 -4.17 -3.51 -13.22
N ILE A 608 -5.15 -3.35 -12.34
CA ILE A 608 -5.17 -2.27 -11.37
C ILE A 608 -4.64 -2.84 -10.05
N PRO A 609 -3.45 -2.47 -9.62
CA PRO A 609 -2.91 -3.06 -8.39
C PRO A 609 -3.66 -2.60 -7.16
N MET A 610 -3.64 -3.43 -6.11
CA MET A 610 -4.27 -3.01 -4.88
C MET A 610 -3.38 -1.99 -4.20
N GLY A 611 -3.94 -1.37 -3.18
CA GLY A 611 -3.21 -0.38 -2.44
C GLY A 611 -4.08 0.24 -1.38
N GLY A 612 -3.49 1.21 -0.71
CA GLY A 612 -4.14 2.00 0.32
C GLY A 612 -3.18 3.11 0.58
N THR A 613 -3.59 4.35 0.34
CA THR A 613 -2.70 5.50 0.52
C THR A 613 -3.53 6.76 0.42
N LEU A 614 -3.28 7.68 1.35
CA LEU A 614 -3.98 8.96 1.36
C LEU A 614 -3.07 9.98 0.69
N TYR A 615 -3.63 10.72 -0.27
CA TYR A 615 -2.89 11.73 -1.01
C TYR A 615 -3.45 13.11 -0.66
N THR A 616 -2.55 14.05 -0.38
CA THR A 616 -2.92 15.42 -0.05
C THR A 616 -2.26 16.34 -1.07
N PHE A 617 -3.05 17.26 -1.63
CA PHE A 617 -2.59 18.20 -2.64
C PHE A 617 -2.76 19.64 -2.17
N CYS A 618 -2.05 20.53 -2.86
CA CYS A 618 -2.12 21.97 -2.58
C CYS A 618 -1.55 22.70 -3.79
N VAL A 619 -1.82 24.00 -3.86
CA VAL A 619 -1.30 24.81 -4.98
C VAL A 619 -0.17 25.73 -4.53
N ASN B 32 27.87 -8.11 -21.38
CA ASN B 32 26.79 -8.13 -22.35
C ASN B 32 26.75 -6.82 -23.14
N ASP B 33 26.84 -6.95 -24.48
CA ASP B 33 26.84 -5.77 -25.34
C ASP B 33 25.58 -4.95 -25.18
N ASP B 34 24.42 -5.60 -25.11
CA ASP B 34 23.17 -4.87 -24.97
C ASP B 34 23.13 -4.06 -23.67
N VAL B 35 23.56 -4.67 -22.56
CA VAL B 35 23.57 -3.97 -21.28
C VAL B 35 24.51 -2.77 -21.35
N LEU B 36 25.66 -2.94 -22.03
CA LEU B 36 26.60 -1.84 -22.15
C LEU B 36 25.98 -0.68 -22.92
N LYS B 37 25.27 -0.98 -24.02
CA LYS B 37 24.63 0.05 -24.80
C LYS B 37 23.53 0.77 -24.02
N LEU B 38 22.68 -0.01 -23.34
CA LEU B 38 21.58 0.56 -22.58
C LEU B 38 22.07 1.42 -21.41
N THR B 39 22.97 0.87 -20.60
CA THR B 39 23.48 1.62 -19.45
C THR B 39 24.24 2.87 -19.89
N GLU B 40 24.87 2.82 -21.07
CA GLU B 40 25.61 3.98 -21.56
C GLU B 40 24.66 5.12 -21.92
N ASN B 41 23.43 4.80 -22.31
CA ASN B 41 22.44 5.82 -22.66
C ASN B 41 21.91 6.47 -21.39
N PRO B 42 22.16 7.76 -21.17
CA PRO B 42 21.68 8.41 -19.94
C PRO B 42 20.16 8.45 -19.78
N LYS B 43 19.40 8.16 -20.84
CA LYS B 43 17.94 8.20 -20.72
C LYS B 43 17.37 7.00 -19.97
N ASN B 44 18.14 5.92 -19.83
CA ASN B 44 17.68 4.71 -19.17
C ASN B 44 18.32 4.52 -17.81
N TRP B 45 17.74 3.56 -17.08
CA TRP B 45 18.24 3.06 -15.80
C TRP B 45 18.16 1.57 -16.12
N ALA B 46 19.15 1.10 -16.88
CA ALA B 46 19.17 -0.27 -17.36
C ALA B 46 19.74 -1.28 -16.38
N ALA B 47 20.50 -0.83 -15.39
CA ALA B 47 21.04 -1.77 -14.44
C ALA B 47 20.61 -1.38 -13.05
N PRO B 48 20.52 -2.35 -12.12
CA PRO B 48 20.10 -2.02 -10.75
C PRO B 48 20.80 -0.79 -10.18
N GLY B 49 22.12 -0.70 -10.33
CA GLY B 49 22.89 0.42 -9.85
C GLY B 49 23.31 1.37 -10.95
N LYS B 50 22.45 1.48 -11.97
CA LYS B 50 22.58 2.34 -13.15
C LYS B 50 23.64 1.88 -14.15
N ASP B 51 24.56 1.00 -13.74
CA ASP B 51 25.59 0.50 -14.64
C ASP B 51 26.30 -0.66 -13.96
N TYR B 52 27.25 -1.26 -14.68
CA TYR B 52 28.02 -2.38 -14.16
C TYR B 52 28.90 -1.98 -12.98
N ALA B 53 29.30 -0.71 -12.90
CA ALA B 53 30.15 -0.22 -11.82
C ALA B 53 29.37 0.18 -10.57
N ASN B 54 28.04 0.10 -10.60
CA ASN B 54 27.19 0.45 -9.46
C ASN B 54 27.40 1.89 -9.01
N THR B 55 27.64 2.80 -9.96
CA THR B 55 27.87 4.21 -9.59
C THR B 55 26.59 4.91 -9.15
N ARG B 56 25.43 4.46 -9.64
CA ARG B 56 24.14 5.08 -9.30
C ARG B 56 24.19 6.59 -9.54
N HIS B 57 24.79 6.96 -10.67
CA HIS B 57 24.94 8.35 -11.07
C HIS B 57 24.21 8.57 -12.37
N SER B 58 23.51 9.70 -12.47
CA SER B 58 22.77 10.03 -13.67
C SER B 58 23.28 11.34 -14.25
N PRO B 59 23.71 11.37 -15.51
CA PRO B 59 24.18 12.64 -16.10
C PRO B 59 23.06 13.61 -16.45
N LEU B 60 21.79 13.21 -16.35
CA LEU B 60 20.68 14.09 -16.67
C LEU B 60 20.72 15.33 -15.78
N LYS B 61 20.53 16.51 -16.40
CA LYS B 61 20.58 17.76 -15.67
C LYS B 61 19.34 18.64 -15.80
N GLN B 62 18.23 18.12 -16.34
CA GLN B 62 17.03 18.95 -16.43
C GLN B 62 16.58 19.36 -15.04
N ILE B 63 16.60 18.42 -14.10
CA ILE B 63 16.28 18.67 -12.70
C ILE B 63 17.60 19.06 -12.05
N ASN B 64 17.70 20.28 -11.55
CA ASN B 64 18.95 20.74 -10.97
C ASN B 64 18.68 21.59 -9.73
N THR B 65 19.77 22.10 -9.14
CA THR B 65 19.67 22.92 -7.95
C THR B 65 18.79 24.15 -8.17
N GLN B 66 18.84 24.72 -9.37
CA GLN B 66 18.05 25.92 -9.65
C GLN B 66 16.55 25.66 -9.64
N ASN B 67 16.10 24.52 -10.14
CA ASN B 67 14.66 24.25 -10.23
C ASN B 67 14.15 23.08 -9.39
N VAL B 68 14.98 22.44 -8.57
CA VAL B 68 14.48 21.31 -7.79
C VAL B 68 13.41 21.76 -6.80
N LYS B 69 13.37 23.05 -6.45
CA LYS B 69 12.35 23.55 -5.53
C LYS B 69 10.95 23.26 -6.05
N GLY B 70 10.78 23.17 -7.37
CA GLY B 70 9.53 22.89 -8.04
C GLY B 70 9.28 21.42 -8.28
N LEU B 71 10.11 20.53 -7.73
CA LEU B 71 9.90 19.10 -7.92
C LEU B 71 8.54 18.71 -7.35
N HIS B 72 7.77 17.96 -8.14
CA HIS B 72 6.45 17.56 -7.71
C HIS B 72 6.15 16.19 -8.29
N MET B 73 5.26 15.47 -7.61
CA MET B 73 4.89 14.13 -8.05
CA MET B 73 4.87 14.13 -8.05
C MET B 73 4.13 14.20 -9.37
N ALA B 74 4.50 13.30 -10.29
CA ALA B 74 3.88 13.19 -11.61
C ALA B 74 2.85 12.09 -11.64
N TRP B 75 3.17 10.95 -11.02
CA TRP B 75 2.30 9.78 -10.93
C TRP B 75 2.89 8.84 -9.90
N SER B 76 2.04 8.00 -9.33
CA SER B 76 2.44 7.03 -8.33
C SER B 76 1.84 5.67 -8.69
N PHE B 77 2.50 4.59 -8.25
CA PHE B 77 2.06 3.25 -8.59
C PHE B 77 2.14 2.32 -7.38
N SER B 78 1.00 1.83 -6.91
CA SER B 78 1.02 0.89 -5.80
C SER B 78 1.38 -0.48 -6.33
N THR B 79 2.08 -1.26 -5.50
CA THR B 79 2.51 -2.59 -5.92
C THR B 79 1.54 -3.69 -5.52
N GLY B 80 0.55 -3.40 -4.68
CA GLY B 80 -0.37 -4.43 -4.27
C GLY B 80 0.24 -5.39 -3.28
N VAL B 81 1.46 -5.10 -2.80
CA VAL B 81 2.17 -5.93 -1.85
C VAL B 81 2.62 -5.03 -0.71
N LEU B 82 2.70 -5.61 0.49
CA LEU B 82 3.10 -4.88 1.69
C LEU B 82 4.23 -5.60 2.40
N ARG B 83 5.36 -4.90 2.55
CA ARG B 83 6.57 -5.19 3.32
C ARG B 83 7.66 -4.29 2.76
N GLY B 84 8.88 -4.37 3.30
CA GLY B 84 9.95 -3.54 2.79
C GLY B 84 10.08 -3.56 1.29
N HIS B 85 10.09 -2.39 0.68
CA HIS B 85 10.20 -2.27 -0.77
C HIS B 85 11.60 -1.77 -1.08
N GLU B 86 12.54 -2.71 -1.16
CA GLU B 86 13.92 -2.41 -1.46
C GLU B 86 14.16 -2.46 -2.96
N GLY B 87 15.33 -2.00 -3.36
CA GLY B 87 15.65 -2.06 -4.77
C GLY B 87 15.24 -0.83 -5.52
N GLN B 88 15.02 -1.01 -6.81
CA GLN B 88 14.68 0.09 -7.70
C GLN B 88 14.01 -0.47 -8.93
N PRO B 89 13.31 0.35 -9.70
CA PRO B 89 12.71 -0.12 -10.94
C PRO B 89 13.75 -0.03 -12.04
N LEU B 90 13.48 -0.74 -13.13
CA LEU B 90 14.35 -0.74 -14.30
C LEU B 90 13.63 0.02 -15.40
N VAL B 91 14.33 0.93 -16.06
CA VAL B 91 13.74 1.71 -17.14
C VAL B 91 14.53 1.45 -18.42
N ILE B 92 13.85 0.88 -19.41
CA ILE B 92 14.42 0.56 -20.71
C ILE B 92 13.55 1.32 -21.71
N GLY B 93 14.04 2.46 -22.19
CA GLY B 93 13.26 3.23 -23.13
C GLY B 93 11.98 3.73 -22.49
N ASP B 94 10.84 3.29 -23.02
CA ASP B 94 9.53 3.69 -22.52
C ASP B 94 8.90 2.64 -21.61
N ARG B 95 9.66 1.65 -21.16
CA ARG B 95 9.12 0.61 -20.30
C ARG B 95 9.82 0.61 -18.95
N MET B 96 9.05 0.30 -17.92
CA MET B 96 9.55 0.23 -16.55
C MET B 96 9.10 -1.08 -15.94
N TYR B 97 10.01 -1.73 -15.21
CA TYR B 97 9.74 -3.01 -14.56
C TYR B 97 10.02 -2.88 -13.08
N VAL B 98 9.06 -3.31 -12.26
CA VAL B 98 9.13 -3.23 -10.81
C VAL B 98 8.99 -4.62 -10.22
N VAL B 99 9.86 -4.96 -9.26
CA VAL B 99 9.83 -6.24 -8.56
C VAL B 99 9.49 -5.96 -7.10
N THR B 100 8.38 -6.51 -6.64
CA THR B 100 7.89 -6.29 -5.28
C THR B 100 8.52 -7.31 -4.34
N PRO B 101 8.35 -7.12 -3.02
CA PRO B 101 8.84 -8.13 -2.08
C PRO B 101 8.00 -9.40 -2.20
N TYR B 102 8.19 -10.39 -1.33
CA TYR B 102 7.42 -11.62 -1.44
C TYR B 102 5.92 -11.30 -1.52
N PRO B 103 5.16 -11.95 -2.42
CA PRO B 103 5.53 -13.02 -3.36
C PRO B 103 6.30 -12.65 -4.64
N ASN B 104 7.01 -11.52 -4.62
CA ASN B 104 7.84 -11.08 -5.75
C ASN B 104 7.06 -10.97 -7.06
N ILE B 105 6.09 -10.08 -7.07
CA ILE B 105 5.32 -9.85 -8.28
C ILE B 105 6.10 -8.90 -9.17
N VAL B 106 6.10 -9.17 -10.49
CA VAL B 106 6.80 -8.34 -11.46
C VAL B 106 5.76 -7.56 -12.25
N TRP B 107 5.79 -6.22 -12.12
CA TRP B 107 4.86 -5.33 -12.82
C TRP B 107 5.60 -4.65 -13.97
N ALA B 108 4.97 -4.62 -15.14
CA ALA B 108 5.52 -3.96 -16.30
C ALA B 108 4.63 -2.75 -16.59
N LEU B 109 5.25 -1.58 -16.66
CA LEU B 109 4.49 -0.35 -16.90
C LEU B 109 4.95 0.34 -18.17
N ASP B 110 3.99 0.92 -18.87
CA ASP B 110 4.24 1.71 -20.06
C ASP B 110 4.28 3.15 -19.58
N ILE B 111 5.42 3.81 -19.75
CA ILE B 111 5.59 5.18 -19.30
C ILE B 111 5.95 6.10 -20.47
N SER B 112 5.60 5.70 -21.69
CA SER B 112 5.92 6.49 -22.88
C SER B 112 5.35 7.89 -22.81
N LYS B 113 4.27 8.10 -22.04
CA LYS B 113 3.69 9.43 -21.91
C LYS B 113 4.39 10.29 -20.87
N GLY B 114 5.31 9.71 -20.09
CA GLY B 114 6.04 10.47 -19.08
C GLY B 114 5.29 10.91 -17.85
N ASN B 115 4.18 11.63 -18.01
CA ASN B 115 3.41 12.11 -16.88
C ASN B 115 2.35 11.11 -16.40
N SER B 116 2.30 9.91 -16.98
CA SER B 116 1.33 8.90 -16.56
C SER B 116 1.89 7.53 -16.92
N TYR B 117 1.29 6.50 -16.33
CA TYR B 117 1.71 5.13 -16.54
C TYR B 117 0.51 4.27 -16.93
N GLU B 118 0.81 3.13 -17.55
CA GLU B 118 -0.20 2.14 -17.94
C GLU B 118 0.37 0.77 -17.67
N VAL B 119 -0.35 -0.04 -16.89
CA VAL B 119 0.12 -1.38 -16.59
C VAL B 119 0.01 -2.24 -17.85
N LEU B 120 1.12 -2.88 -18.23
CA LEU B 120 1.18 -3.71 -19.41
C LEU B 120 0.87 -5.18 -19.09
N TRP B 121 1.57 -5.76 -18.11
CA TRP B 121 1.32 -7.14 -17.75
C TRP B 121 1.82 -7.37 -16.33
N LYS B 122 1.45 -8.52 -15.78
CA LYS B 122 1.81 -8.88 -14.42
C LYS B 122 2.24 -10.34 -14.34
N TYR B 123 3.37 -10.59 -13.69
CA TYR B 123 3.90 -11.93 -13.49
C TYR B 123 3.85 -12.22 -11.99
N ALA B 124 3.04 -13.19 -11.60
CA ALA B 124 2.86 -13.56 -10.20
C ALA B 124 3.35 -14.98 -9.96
N PRO B 125 4.56 -15.17 -9.45
CA PRO B 125 5.06 -16.52 -9.22
C PRO B 125 4.42 -17.15 -7.98
N ARG B 126 4.19 -18.45 -8.06
CA ARG B 126 3.63 -19.20 -6.93
C ARG B 126 4.83 -19.72 -6.15
N GLN B 127 5.00 -19.26 -4.93
CA GLN B 127 6.15 -19.64 -4.12
C GLN B 127 5.76 -20.47 -2.90
N ASP B 128 6.81 -21.03 -2.29
CA ASP B 128 6.69 -21.82 -1.08
C ASP B 128 6.82 -20.82 0.08
N ASP B 129 5.75 -20.64 0.84
CA ASP B 129 5.76 -19.65 1.92
C ASP B 129 6.74 -19.98 3.05
N LYS B 130 7.41 -21.13 2.98
CA LYS B 130 8.39 -21.43 4.00
C LYS B 130 9.56 -20.45 3.89
N ALA B 131 9.74 -19.84 2.71
CA ALA B 131 10.81 -18.87 2.52
C ALA B 131 10.57 -17.62 3.36
N VAL B 132 9.32 -17.32 3.69
CA VAL B 132 9.03 -16.16 4.52
C VAL B 132 9.64 -16.35 5.91
N SER B 133 9.43 -17.51 6.51
CA SER B 133 9.99 -17.80 7.83
C SER B 133 11.46 -18.14 7.75
N THR B 134 11.98 -18.46 6.58
CA THR B 134 13.39 -18.78 6.39
C THR B 134 14.20 -17.53 6.02
N ALA B 135 13.52 -16.38 5.88
CA ALA B 135 14.18 -15.13 5.56
C ALA B 135 14.52 -14.47 6.88
N CYS B 136 15.80 -14.10 7.03
CA CYS B 136 16.26 -13.50 8.27
C CYS B 136 15.84 -12.06 8.48
N CYS B 137 15.96 -11.24 7.45
CA CYS B 137 15.81 -9.82 7.64
C CYS B 137 14.62 -9.12 6.99
N ASP B 138 13.84 -9.81 6.14
CA ASP B 138 12.56 -9.37 5.57
C ASP B 138 12.29 -10.16 4.31
N THR B 139 11.12 -9.93 3.72
CA THR B 139 10.75 -10.55 2.45
C THR B 139 11.11 -9.65 1.29
N VAL B 140 12.13 -8.79 1.48
CA VAL B 140 12.55 -7.82 0.47
C VAL B 140 13.20 -8.47 -0.74
N ASN B 141 13.24 -7.70 -1.82
CA ASN B 141 13.84 -8.01 -3.11
C ASN B 141 14.62 -6.76 -3.51
N ARG B 142 15.77 -6.95 -4.16
CA ARG B 142 16.61 -5.81 -4.53
C ARG B 142 16.56 -5.45 -6.01
N GLY B 143 15.56 -5.90 -6.74
CA GLY B 143 15.42 -5.53 -8.14
C GLY B 143 15.73 -6.65 -9.11
N ALA B 144 15.62 -6.28 -10.39
CA ALA B 144 15.86 -7.18 -11.50
C ALA B 144 16.90 -6.57 -12.44
N SER B 145 17.30 -7.35 -13.45
CA SER B 145 18.24 -6.94 -14.47
C SER B 145 17.63 -7.24 -15.84
N TYR B 146 18.10 -6.51 -16.86
CA TYR B 146 17.58 -6.63 -18.22
C TYR B 146 18.71 -6.79 -19.22
N ALA B 147 18.44 -7.56 -20.28
CA ALA B 147 19.35 -7.80 -21.38
C ALA B 147 18.63 -8.59 -22.48
N ASP B 148 18.94 -8.25 -23.73
CA ASP B 148 18.40 -8.90 -24.93
C ASP B 148 16.91 -9.23 -24.82
N GLY B 149 16.12 -8.21 -24.50
CA GLY B 149 14.67 -8.38 -24.39
C GLY B 149 14.22 -9.35 -23.32
N LYS B 150 15.05 -9.60 -22.30
CA LYS B 150 14.72 -10.52 -21.23
C LYS B 150 14.82 -9.81 -19.89
N ILE B 151 14.02 -10.27 -18.94
CA ILE B 151 13.99 -9.76 -17.58
C ILE B 151 14.34 -10.91 -16.65
N VAL B 152 15.33 -10.70 -15.77
CA VAL B 152 15.78 -11.73 -14.84
C VAL B 152 15.67 -11.20 -13.41
N PHE B 153 15.14 -12.03 -12.52
CA PHE B 153 14.99 -11.66 -11.12
C PHE B 153 15.01 -12.93 -10.27
N ASN B 154 15.09 -12.73 -8.95
CA ASN B 154 15.15 -13.82 -8.00
C ASN B 154 13.91 -13.83 -7.10
N THR B 155 13.31 -15.01 -6.93
CA THR B 155 12.17 -15.14 -6.04
C THR B 155 12.71 -15.49 -4.66
N LEU B 156 11.95 -15.11 -3.63
CA LEU B 156 12.41 -15.39 -2.27
C LEU B 156 12.63 -16.89 -2.05
N ASP B 157 11.85 -17.74 -2.71
CA ASP B 157 12.01 -19.17 -2.54
C ASP B 157 13.18 -19.75 -3.34
N GLY B 158 14.08 -18.90 -3.82
CA GLY B 158 15.29 -19.33 -4.50
C GLY B 158 15.23 -19.65 -5.97
N TYR B 159 14.30 -19.09 -6.73
CA TYR B 159 14.23 -19.38 -8.16
C TYR B 159 14.78 -18.20 -8.97
N VAL B 160 15.62 -18.51 -9.95
CA VAL B 160 16.16 -17.51 -10.87
C VAL B 160 15.21 -17.57 -12.06
N VAL B 161 14.45 -16.50 -12.29
CA VAL B 161 13.44 -16.47 -13.33
C VAL B 161 13.80 -15.49 -14.44
N CYS B 162 13.57 -15.92 -15.69
CA CYS B 162 13.81 -15.10 -16.87
C CYS B 162 12.49 -14.96 -17.62
N LEU B 163 12.02 -13.72 -17.77
CA LEU B 163 10.77 -13.44 -18.46
C LEU B 163 10.99 -12.65 -19.73
N ASP B 164 10.10 -12.85 -20.69
CA ASP B 164 10.16 -12.09 -21.92
C ASP B 164 9.77 -10.67 -21.57
N ALA B 165 10.64 -9.70 -21.87
CA ALA B 165 10.36 -8.32 -21.50
C ALA B 165 9.07 -7.80 -22.14
N ASN B 166 8.83 -8.17 -23.40
CA ASN B 166 7.65 -7.67 -24.11
C ASN B 166 6.33 -8.13 -23.49
N THR B 167 6.10 -9.45 -23.45
CA THR B 167 4.84 -9.98 -22.94
C THR B 167 4.87 -10.52 -21.51
N GLY B 168 6.03 -10.54 -20.85
CA GLY B 168 6.02 -11.08 -19.51
C GLY B 168 5.87 -12.58 -19.45
N LYS B 169 6.00 -13.26 -20.59
CA LYS B 169 5.91 -14.72 -20.63
C LYS B 169 7.16 -15.30 -20.01
N GLU B 170 6.97 -16.31 -19.16
CA GLU B 170 8.10 -16.95 -18.47
C GLU B 170 8.92 -17.79 -19.45
N LEU B 171 10.15 -17.35 -19.72
CA LEU B 171 11.02 -18.08 -20.64
C LEU B 171 11.64 -19.30 -19.96
N TRP B 172 12.07 -19.16 -18.71
CA TRP B 172 12.66 -20.26 -17.95
C TRP B 172 12.85 -19.82 -16.50
N LYS B 173 12.91 -20.80 -15.61
CA LYS B 173 13.14 -20.59 -14.19
C LYS B 173 13.98 -21.74 -13.69
N THR B 174 14.99 -21.43 -12.88
CA THR B 174 15.89 -22.44 -12.36
C THR B 174 15.96 -22.39 -10.85
N LYS B 175 15.70 -23.54 -10.21
CA LYS B 175 15.79 -23.63 -8.76
C LYS B 175 17.25 -23.54 -8.37
N PHE B 176 17.61 -22.49 -7.62
CA PHE B 176 19.00 -22.29 -7.21
C PHE B 176 19.16 -22.41 -5.69
N ALA B 177 18.48 -21.59 -4.92
CA ALA B 177 18.59 -21.65 -3.46
C ALA B 177 17.57 -22.63 -2.89
N ASP B 178 17.97 -23.30 -1.82
CA ASP B 178 17.14 -24.28 -1.14
C ASP B 178 16.68 -23.69 0.19
N VAL B 179 15.37 -23.70 0.43
CA VAL B 179 14.85 -23.14 1.68
C VAL B 179 15.24 -24.04 2.86
N ASN B 180 15.27 -25.36 2.63
CA ASN B 180 15.60 -26.31 3.69
C ASN B 180 17.02 -26.15 4.18
N LYS B 181 17.90 -25.57 3.35
CA LYS B 181 19.28 -25.32 3.75
C LYS B 181 19.42 -23.91 4.30
N GLY B 182 18.30 -23.20 4.47
CA GLY B 182 18.30 -21.84 4.99
C GLY B 182 18.67 -20.78 3.98
N GLU B 183 18.48 -21.05 2.69
CA GLU B 183 18.84 -20.12 1.63
C GLU B 183 17.59 -19.48 1.02
N THR B 184 17.61 -18.15 0.89
CA THR B 184 16.54 -17.36 0.31
C THR B 184 17.19 -16.33 -0.62
N SER B 185 16.65 -16.19 -1.83
CA SER B 185 17.22 -15.29 -2.83
C SER B 185 16.58 -13.91 -2.83
N THR B 186 17.12 -13.01 -2.00
CA THR B 186 16.77 -11.61 -1.86
C THR B 186 17.46 -10.66 -2.85
N PRO B 187 18.71 -10.87 -3.27
CA PRO B 187 19.38 -9.87 -4.12
C PRO B 187 18.94 -9.87 -5.59
N ALA B 188 19.45 -8.86 -6.29
CA ALA B 188 19.20 -8.63 -7.69
C ALA B 188 20.36 -9.18 -8.51
N PRO B 189 20.13 -10.15 -9.40
CA PRO B 189 21.22 -10.66 -10.21
C PRO B 189 21.59 -9.67 -11.30
N ILE B 190 22.73 -9.92 -11.95
CA ILE B 190 23.20 -9.10 -13.05
C ILE B 190 23.50 -10.04 -14.20
N ILE B 191 23.52 -9.48 -15.42
CA ILE B 191 23.76 -10.25 -16.64
C ILE B 191 25.10 -9.87 -17.23
N VAL B 192 25.99 -10.87 -17.40
CA VAL B 192 27.34 -10.68 -17.94
C VAL B 192 27.52 -11.56 -19.16
N LYS B 193 27.45 -10.92 -20.33
CA LYS B 193 27.61 -11.37 -21.71
C LYS B 193 26.63 -12.43 -22.19
N ASP B 194 26.39 -13.45 -21.36
CA ASP B 194 25.41 -14.48 -21.70
C ASP B 194 25.04 -15.26 -20.45
N LYS B 195 25.42 -14.76 -19.29
CA LYS B 195 25.16 -15.46 -18.04
C LYS B 195 24.50 -14.56 -17.01
N VAL B 196 23.68 -15.19 -16.17
CA VAL B 196 22.98 -14.53 -15.08
C VAL B 196 23.68 -15.02 -13.81
N VAL B 197 24.33 -14.10 -13.10
CA VAL B 197 25.07 -14.42 -11.89
C VAL B 197 24.34 -13.85 -10.69
N THR B 198 24.30 -14.64 -9.61
CA THR B 198 23.62 -14.23 -8.38
C THR B 198 23.98 -15.18 -7.25
N GLY B 199 23.67 -14.74 -6.05
CA GLY B 199 23.87 -15.48 -4.82
C GLY B 199 22.56 -15.52 -4.06
N TYR B 200 22.66 -15.61 -2.75
CA TYR B 200 21.48 -15.64 -1.89
C TYR B 200 21.93 -15.29 -0.48
N GLY B 201 20.99 -15.38 0.47
CA GLY B 201 21.26 -15.11 1.86
C GLY B 201 21.00 -16.34 2.70
N GLY B 202 21.15 -16.17 4.01
CA GLY B 202 20.90 -17.29 4.90
C GLY B 202 22.02 -17.66 5.86
N ASP B 203 22.97 -16.76 6.11
CA ASP B 203 24.02 -17.09 7.07
C ASP B 203 23.43 -17.36 8.44
N GLU B 204 22.37 -16.62 8.79
CA GLU B 204 21.72 -16.79 10.09
C GLU B 204 20.96 -18.11 10.20
N PHE B 205 20.87 -18.89 9.12
CA PHE B 205 20.20 -20.18 9.16
C PHE B 205 21.16 -21.34 8.92
N GLY B 206 22.47 -21.10 8.99
CA GLY B 206 23.45 -22.15 8.78
C GLY B 206 23.71 -22.51 7.34
N ALA B 207 23.28 -21.68 6.41
CA ALA B 207 23.49 -21.96 4.99
C ALA B 207 24.97 -21.81 4.63
N ARG B 208 25.32 -22.32 3.45
CA ARG B 208 26.66 -22.25 2.90
C ARG B 208 26.58 -21.34 1.68
N GLY B 209 27.37 -20.27 1.69
CA GLY B 209 27.32 -19.31 0.61
C GLY B 209 27.72 -19.91 -0.74
N ARG B 210 27.05 -19.41 -1.78
CA ARG B 210 27.28 -19.82 -3.16
C ARG B 210 27.00 -18.65 -4.10
N PHE B 211 27.78 -18.57 -5.17
CA PHE B 211 27.64 -17.56 -6.22
C PHE B 211 27.74 -18.34 -7.52
N ALA B 212 26.64 -18.41 -8.27
CA ALA B 212 26.61 -19.18 -9.50
C ALA B 212 26.21 -18.36 -10.71
N ALA B 213 26.50 -18.92 -11.88
CA ALA B 213 26.20 -18.33 -13.17
C ALA B 213 25.27 -19.27 -13.92
N PHE B 214 24.24 -18.70 -14.56
CA PHE B 214 23.28 -19.49 -15.32
C PHE B 214 23.21 -18.96 -16.74
N ASP B 215 23.06 -19.86 -17.70
CA ASP B 215 22.98 -19.46 -19.09
C ASP B 215 21.80 -18.51 -19.29
N LEU B 216 22.06 -17.39 -19.96
CA LEU B 216 21.00 -16.40 -20.18
C LEU B 216 19.87 -16.96 -21.04
N ASN B 217 20.21 -17.75 -22.06
CA ASN B 217 19.20 -18.29 -22.95
C ASN B 217 18.54 -19.57 -22.43
N SER B 218 19.27 -20.43 -21.73
CA SER B 218 18.69 -21.67 -21.24
C SER B 218 18.36 -21.68 -19.76
N GLY B 219 19.12 -20.96 -18.93
CA GLY B 219 18.88 -20.95 -17.51
C GLY B 219 19.62 -22.04 -16.76
N LYS B 220 20.32 -22.93 -17.48
CA LYS B 220 21.04 -24.00 -16.82
C LYS B 220 22.30 -23.45 -16.16
N MET B 221 22.65 -24.03 -15.01
CA MET B 221 23.83 -23.59 -14.27
C MET B 221 25.10 -23.91 -15.05
N VAL B 222 26.00 -22.94 -15.13
CA VAL B 222 27.28 -23.10 -15.81
C VAL B 222 28.41 -23.39 -14.85
N TRP B 223 28.37 -22.76 -13.67
CA TRP B 223 29.37 -22.95 -12.63
C TRP B 223 28.86 -22.30 -11.35
N GLN B 224 29.40 -22.75 -10.22
CA GLN B 224 29.04 -22.22 -8.91
C GLN B 224 30.29 -22.26 -8.04
N ALA B 225 30.49 -21.19 -7.28
CA ALA B 225 31.66 -21.05 -6.41
C ALA B 225 31.21 -20.90 -4.96
N TYR B 226 31.64 -21.83 -4.12
CA TYR B 226 31.29 -21.78 -2.70
C TYR B 226 32.15 -20.76 -1.97
N SER B 227 31.60 -20.20 -0.90
CA SER B 227 32.31 -19.21 -0.12
C SER B 227 33.30 -19.85 0.85
N ASN B 228 33.31 -21.16 0.96
CA ASN B 228 34.22 -21.87 1.84
C ASN B 228 34.33 -23.31 1.31
N GLY B 229 34.95 -24.17 2.11
CA GLY B 229 35.14 -25.55 1.71
C GLY B 229 36.47 -25.72 1.02
N PRO B 230 36.72 -26.90 0.48
CA PRO B 230 38.00 -27.16 -0.20
C PRO B 230 38.27 -26.15 -1.30
N ASP B 231 39.55 -26.06 -1.70
CA ASP B 231 39.94 -25.12 -2.74
C ASP B 231 39.14 -25.38 -4.03
N SER B 232 38.90 -26.64 -4.36
CA SER B 232 38.13 -26.94 -5.56
C SER B 232 36.71 -26.38 -5.47
N ASP B 233 36.14 -26.38 -4.26
CA ASP B 233 34.78 -25.86 -4.08
C ASP B 233 34.74 -24.34 -4.25
N VAL B 234 35.86 -23.65 -3.98
CA VAL B 234 35.91 -22.20 -4.10
C VAL B 234 36.32 -21.74 -5.50
N LEU B 235 36.77 -22.65 -6.36
CA LEU B 235 37.18 -22.33 -7.73
C LEU B 235 38.25 -21.24 -7.73
N LEU B 236 39.42 -21.58 -7.21
CA LEU B 236 40.47 -20.58 -7.14
C LEU B 236 41.22 -20.55 -8.47
N GLY B 237 41.54 -19.34 -8.94
CA GLY B 237 42.26 -19.18 -10.18
C GLY B 237 43.69 -19.68 -10.06
N PRO B 238 44.35 -19.88 -11.19
CA PRO B 238 45.75 -20.36 -11.15
C PRO B 238 46.71 -19.35 -10.54
N ASP B 239 46.37 -18.07 -10.63
CA ASP B 239 47.10 -16.92 -10.15
C ASP B 239 46.27 -16.15 -9.15
N PHE B 240 45.49 -16.89 -8.36
CA PHE B 240 44.61 -16.30 -7.36
C PHE B 240 45.45 -15.66 -6.28
N ASN B 241 45.32 -14.34 -6.12
CA ASN B 241 46.09 -13.59 -5.12
C ASN B 241 47.59 -13.78 -5.31
N SER B 242 48.01 -13.98 -6.55
CA SER B 242 49.43 -14.19 -6.85
C SER B 242 50.28 -13.02 -6.36
N LYS B 243 49.75 -11.81 -6.50
CA LYS B 243 50.47 -10.61 -6.09
C LYS B 243 50.33 -10.30 -4.62
N HIS B 244 49.37 -10.92 -3.94
CA HIS B 244 49.16 -10.70 -2.51
C HIS B 244 49.09 -12.04 -1.80
N PRO B 245 50.22 -12.72 -1.62
CA PRO B 245 50.20 -14.01 -0.91
C PRO B 245 49.73 -13.88 0.52
N GLU B 246 49.83 -12.68 1.11
CA GLU B 246 49.39 -12.46 2.48
C GLU B 246 47.88 -12.49 2.62
N TYR B 247 47.14 -12.52 1.50
CA TYR B 247 45.69 -12.59 1.53
C TYR B 247 45.18 -14.02 1.62
N GLY B 248 46.03 -15.00 1.30
CA GLY B 248 45.65 -16.39 1.29
C GLY B 248 45.70 -16.87 -0.13
N GLN B 249 46.36 -17.99 -0.40
CA GLN B 249 46.48 -18.51 -1.75
C GLN B 249 45.87 -19.91 -1.87
N ALA B 250 45.89 -20.41 -3.10
CA ALA B 250 45.37 -21.73 -3.39
C ALA B 250 46.33 -22.79 -2.87
N GLY B 251 45.84 -24.03 -2.80
CA GLY B 251 46.66 -25.12 -2.32
C GLY B 251 46.78 -25.20 -0.82
N GLN B 252 46.15 -24.28 -0.08
CA GLN B 252 46.19 -24.28 1.36
C GLN B 252 44.87 -24.68 1.99
N ASP B 253 43.79 -24.73 1.21
CA ASP B 253 42.46 -25.14 1.66
C ASP B 253 42.01 -24.36 2.89
N LEU B 254 42.13 -23.03 2.82
CA LEU B 254 41.73 -22.20 3.95
C LEU B 254 40.23 -22.27 4.19
N GLY B 255 39.44 -22.60 3.16
CA GLY B 255 38.00 -22.70 3.33
C GLY B 255 37.55 -23.77 4.31
N VAL B 256 38.39 -24.77 4.60
CA VAL B 256 38.06 -25.82 5.54
C VAL B 256 38.91 -25.78 6.80
N LYS B 257 40.08 -25.16 6.75
CA LYS B 257 40.99 -25.11 7.88
C LYS B 257 40.79 -23.92 8.79
N THR B 258 40.41 -22.77 8.26
CA THR B 258 40.18 -21.61 9.12
C THR B 258 38.86 -21.71 9.88
N TYR B 259 38.24 -22.88 9.83
CA TYR B 259 37.00 -23.25 10.49
C TYR B 259 37.29 -24.46 11.36
N PRO B 260 36.46 -24.71 12.39
CA PRO B 260 36.66 -25.92 13.20
C PRO B 260 36.36 -27.15 12.35
N ASP B 261 36.25 -28.33 12.96
CA ASP B 261 36.04 -29.58 12.23
C ASP B 261 35.21 -29.49 10.96
N GLU B 262 33.92 -29.15 11.06
CA GLU B 262 33.12 -29.06 9.84
C GLU B 262 32.17 -27.88 9.91
N GLU B 263 32.52 -26.84 10.68
CA GLU B 263 31.64 -25.69 10.78
C GLU B 263 31.49 -24.97 9.44
N TRP B 264 32.45 -25.13 8.52
CA TRP B 264 32.31 -24.50 7.23
C TRP B 264 31.05 -24.98 6.52
N LYS B 265 30.55 -26.18 6.85
CA LYS B 265 29.32 -26.67 6.24
C LYS B 265 28.16 -25.74 6.57
N ARG B 266 28.24 -25.09 7.72
CA ARG B 266 27.28 -24.09 8.19
C ARG B 266 27.96 -22.73 8.31
N GLY B 267 29.05 -22.56 7.57
CA GLY B 267 29.90 -21.38 7.59
C GLY B 267 29.47 -20.10 6.89
N GLY B 268 28.18 -19.93 6.64
CA GLY B 268 27.70 -18.71 6.01
C GLY B 268 28.38 -18.36 4.71
N GLY B 269 28.83 -17.11 4.61
CA GLY B 269 29.47 -16.64 3.40
C GLY B 269 28.52 -16.38 2.26
N CYS B 270 27.23 -16.26 2.53
CA CYS B 270 26.24 -16.01 1.48
C CYS B 270 26.46 -14.64 0.83
N ALA B 271 26.31 -14.62 -0.50
CA ALA B 271 26.48 -13.40 -1.30
C ALA B 271 25.10 -12.85 -1.65
N TRP B 272 24.53 -12.08 -0.73
CA TRP B 272 23.22 -11.46 -0.91
C TRP B 272 23.31 -9.96 -1.18
N GLY B 273 24.48 -9.47 -1.56
CA GLY B 273 24.70 -8.06 -1.82
C GLY B 273 24.59 -7.69 -3.29
N TRP B 274 25.29 -6.61 -3.65
CA TRP B 274 25.30 -6.08 -5.01
C TRP B 274 26.50 -6.62 -5.78
N TYR B 275 26.29 -6.85 -7.08
CA TYR B 275 27.32 -7.38 -7.95
C TYR B 275 27.75 -6.34 -8.99
N SER B 276 29.05 -6.29 -9.26
CA SER B 276 29.65 -5.37 -10.22
C SER B 276 30.42 -6.15 -11.29
N TYR B 277 30.73 -5.46 -12.39
CA TYR B 277 31.44 -6.09 -13.48
C TYR B 277 32.33 -5.08 -14.23
N ASP B 278 33.55 -5.49 -14.53
CA ASP B 278 34.49 -4.66 -15.27
C ASP B 278 34.61 -5.27 -16.67
N PRO B 279 34.06 -4.62 -17.70
CA PRO B 279 34.14 -5.21 -19.05
C PRO B 279 35.56 -5.31 -19.59
N LYS B 280 36.37 -4.26 -19.44
CA LYS B 280 37.72 -4.29 -19.97
C LYS B 280 38.55 -5.37 -19.29
N LEU B 281 38.44 -5.49 -17.98
CA LEU B 281 39.19 -6.48 -17.23
C LEU B 281 38.50 -7.83 -17.17
N ASP B 282 37.21 -7.90 -17.52
CA ASP B 282 36.44 -9.13 -17.52
C ASP B 282 36.48 -9.78 -16.13
N LEU B 283 36.03 -9.01 -15.14
CA LEU B 283 36.01 -9.46 -13.76
C LEU B 283 34.68 -9.14 -13.10
N ILE B 284 34.12 -10.11 -12.41
CA ILE B 284 32.87 -9.93 -11.67
C ILE B 284 33.26 -9.73 -10.21
N TYR B 285 32.70 -8.71 -9.58
CA TYR B 285 32.99 -8.42 -8.18
C TYR B 285 31.75 -8.65 -7.33
N TYR B 286 31.94 -9.35 -6.22
CA TYR B 286 30.88 -9.66 -5.26
C TYR B 286 31.56 -9.97 -3.94
N ASN B 287 30.78 -9.89 -2.86
CA ASN B 287 31.34 -10.14 -1.54
C ASN B 287 30.52 -11.19 -0.83
N THR B 288 31.10 -11.76 0.23
CA THR B 288 30.46 -12.80 1.02
C THR B 288 30.05 -12.28 2.40
N GLY B 289 29.04 -12.95 2.98
CA GLY B 289 28.52 -12.59 4.27
C GLY B 289 29.31 -13.13 5.44
N ASN B 290 28.66 -13.10 6.61
CA ASN B 290 29.29 -13.57 7.83
C ASN B 290 29.48 -15.07 7.83
N PRO B 291 30.39 -15.59 8.66
CA PRO B 291 30.64 -17.04 8.70
C PRO B 291 29.54 -17.86 9.36
N GLY B 292 28.36 -17.28 9.55
CA GLY B 292 27.26 -18.01 10.14
C GLY B 292 26.76 -17.57 11.51
N LEU B 293 26.85 -18.49 12.45
CA LEU B 293 26.42 -18.25 13.83
C LEU B 293 27.22 -17.12 14.49
N TRP B 294 26.53 -16.35 15.33
CA TRP B 294 27.10 -15.19 16.01
C TRP B 294 27.84 -15.53 17.31
N SER B 295 28.12 -16.81 17.58
CA SER B 295 28.86 -17.21 18.77
C SER B 295 30.28 -17.52 18.31
N PRO B 296 31.22 -16.58 18.42
CA PRO B 296 32.59 -16.82 17.90
C PRO B 296 33.31 -18.03 18.47
N SER B 297 33.08 -18.40 19.72
CA SER B 297 33.78 -19.55 20.29
C SER B 297 33.51 -20.82 19.48
N TYR B 298 32.37 -20.90 18.81
CA TYR B 298 32.02 -22.07 18.00
C TYR B 298 32.64 -22.04 16.61
N ARG B 299 33.39 -20.99 16.28
CA ARG B 299 34.07 -20.87 15.00
C ARG B 299 35.59 -20.88 15.20
N THR B 300 36.03 -21.51 16.29
CA THR B 300 37.44 -21.62 16.66
C THR B 300 37.57 -22.65 17.79
N GLU B 301 38.73 -23.27 17.86
CA GLU B 301 39.00 -24.22 18.94
C GLU B 301 39.73 -23.56 20.09
N ALA B 302 40.11 -22.30 19.95
CA ALA B 302 40.78 -21.57 21.00
C ALA B 302 39.78 -21.12 22.06
N LYS B 303 40.27 -20.92 23.28
CA LYS B 303 39.41 -20.52 24.38
C LYS B 303 39.48 -19.04 24.70
N THR B 304 40.43 -18.31 24.13
CA THR B 304 40.57 -16.89 24.39
C THR B 304 40.45 -16.10 23.11
N HIS B 305 40.11 -14.82 23.26
CA HIS B 305 39.99 -13.94 22.11
C HIS B 305 41.33 -13.80 21.39
N GLU B 306 42.42 -13.72 22.16
CA GLU B 306 43.75 -13.59 21.59
C GLU B 306 44.13 -14.80 20.76
N GLU B 307 44.01 -16.00 21.33
CA GLU B 307 44.38 -17.20 20.60
C GLU B 307 43.47 -17.45 19.40
N ALA B 308 42.18 -17.19 19.55
CA ALA B 308 41.25 -17.40 18.44
C ALA B 308 41.60 -16.49 17.27
N ASN B 309 42.09 -15.28 17.55
CA ASN B 309 42.43 -14.33 16.50
C ASN B 309 43.85 -14.52 15.99
N GLU B 310 44.47 -15.66 16.26
CA GLU B 310 45.80 -15.91 15.75
C GLU B 310 45.73 -15.92 14.22
N PRO B 311 46.59 -15.18 13.53
CA PRO B 311 46.51 -15.14 12.06
C PRO B 311 46.59 -16.52 11.43
N TRP B 312 45.75 -16.73 10.40
CA TRP B 312 45.64 -17.93 9.60
C TRP B 312 45.06 -19.13 10.35
N LYS B 313 44.73 -18.99 11.63
CA LYS B 313 44.20 -20.14 12.36
C LYS B 313 42.69 -20.29 12.22
N TRP B 314 41.93 -19.24 12.49
CA TRP B 314 40.48 -19.30 12.43
C TRP B 314 39.90 -18.11 11.69
N ASP B 315 40.47 -17.79 10.52
CA ASP B 315 40.01 -16.67 9.72
C ASP B 315 38.59 -16.86 9.21
N ASN B 316 38.07 -18.09 9.20
CA ASN B 316 36.72 -18.39 8.71
C ASN B 316 36.58 -18.06 7.23
N LYS B 317 37.68 -18.22 6.48
CA LYS B 317 37.67 -17.95 5.05
C LYS B 317 36.80 -18.99 4.33
N TRP B 318 36.20 -18.59 3.22
CA TRP B 318 36.35 -17.26 2.64
C TRP B 318 35.18 -16.32 2.89
N SER B 319 34.65 -16.35 4.11
CA SER B 319 33.57 -15.44 4.46
C SER B 319 34.15 -14.03 4.59
N MET B 320 33.28 -13.03 4.46
CA MET B 320 33.72 -11.64 4.57
C MET B 320 34.78 -11.29 3.53
N THR B 321 34.72 -11.88 2.35
CA THR B 321 35.76 -11.67 1.34
C THR B 321 35.24 -10.98 0.09
N ILE B 322 36.06 -10.10 -0.47
CA ILE B 322 35.76 -9.41 -1.71
C ILE B 322 36.37 -10.25 -2.82
N PHE B 323 35.54 -10.82 -3.69
CA PHE B 323 36.02 -11.68 -4.75
C PHE B 323 35.99 -11.00 -6.12
N ALA B 324 36.90 -11.43 -6.98
CA ALA B 324 37.03 -10.95 -8.36
C ALA B 324 37.15 -12.23 -9.18
N ARG B 325 36.07 -12.64 -9.85
CA ARG B 325 36.04 -13.87 -10.61
C ARG B 325 35.84 -13.63 -12.10
N LYS B 326 36.31 -14.60 -12.90
CA LYS B 326 36.15 -14.54 -14.35
C LYS B 326 34.76 -15.03 -14.73
N PRO B 327 34.00 -14.25 -15.49
CA PRO B 327 32.63 -14.67 -15.84
C PRO B 327 32.51 -15.99 -16.59
N ASP B 328 33.44 -16.29 -17.49
CA ASP B 328 33.34 -17.51 -18.29
C ASP B 328 33.34 -18.77 -17.42
N THR B 329 34.31 -18.89 -16.51
CA THR B 329 34.46 -20.08 -15.67
C THR B 329 34.21 -19.87 -14.19
N GLY B 330 34.23 -18.64 -13.70
CA GLY B 330 34.04 -18.41 -12.28
C GLY B 330 35.31 -18.44 -11.46
N GLU B 331 36.46 -18.74 -12.08
CA GLU B 331 37.72 -18.79 -11.34
C GLU B 331 38.02 -17.42 -10.73
N ALA B 332 38.43 -17.42 -9.46
CA ALA B 332 38.70 -16.18 -8.75
C ALA B 332 40.10 -15.67 -9.05
N VAL B 333 40.19 -14.43 -9.54
CA VAL B 333 41.49 -13.82 -9.83
C VAL B 333 42.15 -13.38 -8.54
N TRP B 334 41.37 -12.81 -7.62
CA TRP B 334 41.87 -12.38 -6.32
C TRP B 334 40.72 -12.35 -5.34
N GLY B 335 41.06 -12.37 -4.06
CA GLY B 335 40.07 -12.35 -3.00
C GLY B 335 40.66 -11.78 -1.73
N TYR B 336 39.96 -10.83 -1.11
CA TYR B 336 40.44 -10.20 0.12
C TYR B 336 39.38 -10.29 1.21
N GLN B 337 39.73 -10.95 2.32
CA GLN B 337 38.84 -11.08 3.46
C GLN B 337 39.02 -9.84 4.33
N MET B 338 37.92 -9.13 4.59
CA MET B 338 37.99 -7.90 5.37
C MET B 338 37.97 -8.15 6.88
N THR B 339 37.12 -9.08 7.34
CA THR B 339 36.98 -9.36 8.77
C THR B 339 37.18 -10.84 9.07
N PRO B 340 38.42 -11.29 9.22
CA PRO B 340 38.66 -12.69 9.57
C PRO B 340 38.14 -12.97 10.98
N PHE B 341 37.63 -14.18 11.18
CA PHE B 341 37.08 -14.60 12.46
C PHE B 341 36.09 -13.54 12.98
N ASP B 342 34.99 -13.43 12.25
CA ASP B 342 33.97 -12.45 12.59
C ASP B 342 33.42 -12.68 13.99
N GLN B 343 33.12 -11.56 14.67
CA GLN B 343 32.56 -11.58 16.00
C GLN B 343 31.45 -10.55 16.16
N TRP B 344 30.99 -9.92 15.06
CA TRP B 344 29.95 -8.90 15.11
C TRP B 344 28.90 -8.97 14.02
N ASP B 345 28.98 -9.93 13.09
CA ASP B 345 28.03 -10.05 11.96
C ASP B 345 28.21 -8.87 11.00
N TYR B 346 29.47 -8.54 10.70
CA TYR B 346 29.79 -7.43 9.78
C TYR B 346 29.86 -7.94 8.34
N ASP B 347 28.74 -8.47 7.84
CA ASP B 347 28.66 -8.98 6.47
C ASP B 347 29.37 -8.06 5.48
N GLY B 348 30.19 -8.63 4.62
CA GLY B 348 30.92 -7.81 3.68
C GLY B 348 30.31 -7.58 2.31
N ILE B 349 29.09 -8.07 2.06
CA ILE B 349 28.41 -7.98 0.78
C ILE B 349 28.19 -6.57 0.20
N ASN B 350 28.38 -5.49 0.96
CA ASN B 350 28.09 -4.16 0.42
C ASN B 350 28.74 -3.96 -0.95
N GLU B 351 28.00 -3.26 -1.81
CA GLU B 351 28.39 -3.02 -3.20
C GLU B 351 29.83 -2.56 -3.34
N ASP B 352 30.43 -2.96 -4.44
CA ASP B 352 31.80 -2.62 -4.82
C ASP B 352 31.69 -1.66 -6.00
N VAL B 353 31.72 -0.37 -5.72
CA VAL B 353 31.63 0.64 -6.78
C VAL B 353 32.97 0.72 -7.49
N LEU B 354 32.94 0.71 -8.82
CA LEU B 354 34.18 0.72 -9.60
C LEU B 354 34.37 2.09 -10.25
N VAL B 355 35.49 2.74 -9.96
CA VAL B 355 35.84 4.04 -10.51
C VAL B 355 37.35 4.10 -10.65
N ASP B 356 37.82 5.10 -11.38
CA ASP B 356 39.24 5.34 -11.60
C ASP B 356 39.59 6.61 -10.85
N ILE B 357 40.53 6.52 -9.92
CA ILE B 357 40.91 7.68 -9.11
C ILE B 357 42.41 7.92 -9.17
N THR B 358 42.80 9.19 -9.35
CA THR B 358 44.20 9.59 -9.33
C THR B 358 44.58 9.77 -7.87
N VAL B 359 45.30 8.79 -7.34
CA VAL B 359 45.75 8.79 -5.95
C VAL B 359 47.16 8.23 -5.91
N ASP B 360 47.99 8.80 -5.03
CA ASP B 360 49.38 8.38 -4.85
C ASP B 360 50.21 8.59 -6.13
N GLY B 361 49.93 9.69 -6.83
CA GLY B 361 50.67 10.05 -8.04
C GLY B 361 50.25 9.43 -9.35
N SER B 362 49.12 8.72 -9.41
CA SER B 362 48.71 8.12 -10.68
C SER B 362 47.24 7.75 -10.64
N LYS B 363 46.66 7.56 -11.84
CA LYS B 363 45.26 7.17 -11.99
C LYS B 363 45.18 5.65 -11.89
N LYS B 364 44.52 5.16 -10.85
CA LYS B 364 44.45 3.72 -10.70
C LYS B 364 43.02 3.22 -10.77
N PRO B 365 42.81 1.99 -11.25
CA PRO B 365 41.45 1.43 -11.31
C PRO B 365 41.08 0.99 -9.90
N CYS B 366 40.21 1.76 -9.25
CA CYS B 366 39.83 1.49 -7.88
C CYS B 366 38.46 0.83 -7.74
N LEU B 367 38.27 0.27 -6.55
CA LEU B 367 37.05 -0.40 -6.12
C LEU B 367 36.76 0.18 -4.75
N VAL B 368 35.71 0.98 -4.64
CA VAL B 368 35.34 1.61 -3.39
C VAL B 368 34.24 0.76 -2.75
N HIS B 369 34.41 0.45 -1.47
CA HIS B 369 33.45 -0.39 -0.77
C HIS B 369 33.29 0.04 0.68
N PHE B 370 32.08 0.45 1.04
CA PHE B 370 31.75 0.85 2.42
C PHE B 370 31.28 -0.42 3.12
N ASP B 371 32.17 -1.03 3.89
CA ASP B 371 31.81 -2.27 4.56
C ASP B 371 31.04 -2.03 5.86
N ARG B 372 30.30 -3.06 6.26
CA ARG B 372 29.53 -3.00 7.50
C ARG B 372 30.44 -2.73 8.69
N ASN B 373 31.67 -3.27 8.67
CA ASN B 373 32.61 -3.09 9.78
C ASN B 373 32.99 -1.63 10.02
N GLY B 374 32.45 -0.71 9.22
CA GLY B 374 32.73 0.70 9.39
C GLY B 374 33.96 1.22 8.71
N PHE B 375 34.56 0.45 7.81
CA PHE B 375 35.76 0.88 7.09
C PHE B 375 35.43 1.05 5.62
N CYS B 376 35.86 2.16 5.05
CA CYS B 376 35.66 2.44 3.63
C CYS B 376 36.93 1.97 2.93
N TYR B 377 36.83 0.83 2.24
CA TYR B 377 37.96 0.26 1.54
C TYR B 377 38.09 0.80 0.13
N VAL B 378 39.33 1.10 -0.25
CA VAL B 378 39.67 1.56 -1.60
C VAL B 378 40.74 0.59 -2.07
N LEU B 379 40.37 -0.31 -2.96
CA LEU B 379 41.25 -1.34 -3.46
C LEU B 379 41.53 -1.17 -4.94
N ASN B 380 42.62 -1.80 -5.37
CA ASN B 380 43.01 -1.83 -6.78
C ASN B 380 42.22 -3.00 -7.36
N ARG B 381 41.20 -2.70 -8.16
CA ARG B 381 40.35 -3.76 -8.70
C ARG B 381 41.06 -4.74 -9.63
N THR B 382 42.35 -4.52 -9.89
CA THR B 382 43.12 -5.43 -10.73
C THR B 382 43.69 -6.60 -9.93
N ASP B 383 44.13 -6.33 -8.68
CA ASP B 383 44.72 -7.36 -7.84
C ASP B 383 44.28 -7.28 -6.38
N GLY B 384 43.35 -6.41 -6.03
CA GLY B 384 42.93 -6.29 -4.65
C GLY B 384 43.86 -5.57 -3.72
N THR B 385 44.84 -4.83 -4.25
CA THR B 385 45.78 -4.10 -3.41
C THR B 385 45.06 -3.02 -2.60
N ILE B 386 45.39 -2.95 -1.32
CA ILE B 386 44.79 -1.97 -0.41
C ILE B 386 45.41 -0.60 -0.68
N ILE B 387 44.59 0.32 -1.16
CA ILE B 387 45.02 1.69 -1.41
C ILE B 387 44.69 2.58 -0.22
N ARG B 388 43.45 2.47 0.29
CA ARG B 388 42.99 3.23 1.43
C ARG B 388 41.97 2.41 2.21
N ALA B 389 41.91 2.65 3.53
CA ALA B 389 40.97 1.97 4.42
C ALA B 389 40.74 2.94 5.59
N ASN B 390 39.70 3.74 5.49
CA ASN B 390 39.36 4.73 6.50
C ASN B 390 38.00 4.44 7.11
N LYS B 391 37.84 4.83 8.38
CA LYS B 391 36.59 4.66 9.08
C LYS B 391 35.61 5.74 8.63
N PHE B 392 34.42 5.33 8.19
CA PHE B 392 33.41 6.30 7.78
C PHE B 392 32.32 6.50 8.82
N VAL B 393 32.41 5.79 9.94
CA VAL B 393 31.48 5.89 11.07
C VAL B 393 32.32 5.64 12.32
N THR B 394 31.68 5.66 13.49
CA THR B 394 32.41 5.39 14.72
C THR B 394 32.80 3.91 14.75
N VAL B 395 34.09 3.63 14.91
CA VAL B 395 34.59 2.26 14.92
C VAL B 395 35.50 2.06 16.13
N ASN B 396 35.09 1.20 17.06
CA ASN B 396 35.89 0.91 18.25
C ASN B 396 36.29 -0.55 18.36
N TRP B 397 35.78 -1.44 17.51
CA TRP B 397 36.16 -2.84 17.55
C TRP B 397 37.55 -3.06 16.99
N ALA B 398 38.00 -2.16 16.11
CA ALA B 398 39.32 -2.26 15.49
C ALA B 398 40.01 -0.90 15.56
N GLU B 399 41.33 -0.93 15.76
CA GLU B 399 42.08 0.31 15.81
C GLU B 399 42.26 0.89 14.41
N LYS B 400 42.62 0.03 13.46
CA LYS B 400 42.87 0.39 12.07
C LYS B 400 43.06 -0.91 11.31
N ILE B 401 43.37 -0.79 10.03
CA ILE B 401 43.65 -1.93 9.18
C ILE B 401 45.15 -1.92 8.92
N ASP B 402 45.82 -3.00 9.29
CA ASP B 402 47.26 -3.09 9.08
C ASP B 402 47.56 -3.12 7.59
N MET B 403 48.31 -2.11 7.11
CA MET B 403 48.63 -2.03 5.69
C MET B 403 49.44 -3.23 5.21
N LYS B 404 50.41 -3.69 6.01
CA LYS B 404 51.25 -4.80 5.59
C LYS B 404 50.47 -6.11 5.50
N THR B 405 49.91 -6.58 6.63
CA THR B 405 49.18 -7.84 6.64
C THR B 405 47.76 -7.73 6.10
N GLY B 406 47.19 -6.53 6.04
CA GLY B 406 45.82 -6.42 5.54
C GLY B 406 44.79 -6.92 6.52
N ARG B 407 45.15 -7.06 7.79
CA ARG B 407 44.28 -7.54 8.83
C ARG B 407 43.96 -6.43 9.83
N PRO B 408 42.75 -6.42 10.39
CA PRO B 408 42.39 -5.39 11.37
C PRO B 408 43.10 -5.62 12.70
N VAL B 409 43.35 -4.52 13.41
CA VAL B 409 43.96 -4.55 14.73
C VAL B 409 42.77 -4.48 15.68
N LYS B 410 42.24 -5.65 16.03
CA LYS B 410 41.06 -5.75 16.87
C LYS B 410 41.30 -5.26 18.30
N VAL B 411 40.21 -4.81 18.92
CA VAL B 411 40.19 -4.33 20.30
C VAL B 411 39.44 -5.38 21.10
N LYS B 412 40.11 -5.94 22.11
CA LYS B 412 39.53 -7.02 22.90
C LYS B 412 38.26 -6.59 23.66
N GLU B 413 38.27 -5.42 24.28
CA GLU B 413 37.08 -5.02 25.04
C GLU B 413 35.90 -4.65 24.16
N HIS B 414 36.01 -4.79 22.84
CA HIS B 414 34.92 -4.49 21.91
C HIS B 414 34.75 -5.62 20.91
N SER B 415 35.09 -6.83 21.33
CA SER B 415 34.97 -8.03 20.49
C SER B 415 34.22 -9.10 21.29
N PRO B 416 32.97 -9.40 20.95
CA PRO B 416 32.21 -10.41 21.71
C PRO B 416 32.80 -11.80 21.48
N PHE B 417 33.28 -12.42 22.55
CA PHE B 417 33.84 -13.76 22.42
C PHE B 417 33.23 -14.81 23.36
N GLU B 418 33.29 -14.53 24.66
CA GLU B 418 32.80 -15.47 25.67
C GLU B 418 31.29 -15.54 25.75
N VAL B 419 30.80 -16.72 26.13
CA VAL B 419 29.37 -16.97 26.30
C VAL B 419 28.94 -16.47 27.67
N GLY B 420 27.84 -15.72 27.72
CA GLY B 420 27.36 -15.18 28.97
C GLY B 420 27.87 -13.80 29.30
N LYS B 421 28.64 -13.18 28.39
CA LYS B 421 29.20 -11.85 28.57
C LYS B 421 28.78 -10.96 27.41
N ALA B 422 28.16 -9.82 27.72
CA ALA B 422 27.74 -8.88 26.69
C ALA B 422 28.88 -7.90 26.43
N VAL B 423 29.21 -7.71 25.16
CA VAL B 423 30.29 -6.82 24.76
C VAL B 423 29.74 -5.72 23.85
N GLN B 424 30.13 -4.48 24.13
CA GLN B 424 29.69 -3.34 23.35
C GLN B 424 30.60 -3.16 22.13
N ALA B 425 30.02 -2.73 21.01
CA ALA B 425 30.79 -2.53 19.80
C ALA B 425 30.17 -1.44 18.92
N TYR B 426 31.04 -0.71 18.23
CA TYR B 426 30.67 0.35 17.29
C TYR B 426 31.36 -0.01 15.98
N PRO B 427 30.61 -0.21 14.89
CA PRO B 427 29.16 -0.15 14.79
C PRO B 427 28.48 -1.42 15.28
N SER B 428 27.16 -1.41 15.29
CA SER B 428 26.39 -2.57 15.71
C SER B 428 26.45 -3.61 14.59
N ALA B 429 25.71 -4.71 14.75
CA ALA B 429 25.69 -5.73 13.70
C ALA B 429 25.26 -5.13 12.37
N MET B 430 24.38 -4.12 12.40
CA MET B 430 23.96 -3.46 11.18
C MET B 430 25.09 -2.69 10.53
N GLY B 431 26.18 -2.47 11.24
CA GLY B 431 27.35 -1.79 10.72
C GLY B 431 27.21 -0.35 10.31
N GLY B 432 28.30 0.23 9.80
CA GLY B 432 28.27 1.61 9.37
C GLY B 432 27.35 1.82 8.18
N LYS B 433 27.11 0.76 7.41
CA LYS B 433 26.22 0.82 6.27
C LYS B 433 25.79 -0.60 5.92
N ASP B 434 24.49 -0.80 5.78
CA ASP B 434 23.91 -2.08 5.42
C ASP B 434 23.80 -2.11 3.90
N GLN B 435 22.94 -2.98 3.37
CA GLN B 435 22.75 -3.13 1.94
C GLN B 435 22.40 -1.83 1.20
N GLN B 436 21.91 -0.78 1.87
CA GLN B 436 21.55 0.45 1.14
C GLN B 436 22.80 0.96 0.40
N PRO B 437 22.75 1.07 -0.92
CA PRO B 437 23.93 1.46 -1.69
C PRO B 437 24.23 2.96 -1.71
N VAL B 438 25.49 3.24 -2.05
CA VAL B 438 26.01 4.58 -2.15
C VAL B 438 26.02 5.01 -3.61
N ALA B 439 26.30 6.28 -3.86
CA ALA B 439 26.35 6.82 -5.21
C ALA B 439 27.60 7.68 -5.36
N VAL B 440 28.10 7.76 -6.59
CA VAL B 440 29.31 8.54 -6.88
C VAL B 440 29.27 9.05 -8.32
N ASP B 441 29.86 10.22 -8.52
CA ASP B 441 29.96 10.83 -9.83
C ASP B 441 31.36 10.51 -10.35
N PRO B 442 31.50 9.75 -11.44
CA PRO B 442 32.85 9.40 -11.93
C PRO B 442 33.73 10.60 -12.22
N LYS B 443 33.16 11.74 -12.60
CA LYS B 443 33.97 12.93 -12.86
C LYS B 443 34.71 13.40 -11.61
N GLU B 444 34.22 12.99 -10.43
CA GLU B 444 34.84 13.30 -9.13
C GLU B 444 34.76 12.00 -8.35
N PRO B 445 35.53 10.99 -8.75
CA PRO B 445 35.45 9.66 -8.12
C PRO B 445 35.82 9.59 -6.65
N ASN B 446 36.53 10.57 -6.09
CA ASN B 446 36.89 10.47 -4.68
C ASN B 446 35.77 10.89 -3.73
N VAL B 447 34.74 11.58 -4.21
CA VAL B 447 33.64 12.02 -3.35
C VAL B 447 32.46 11.08 -3.52
N PHE B 448 32.12 10.38 -2.46
CA PHE B 448 31.01 9.43 -2.46
C PHE B 448 29.88 9.95 -1.57
N TYR B 449 28.65 9.75 -2.04
CA TYR B 449 27.46 10.14 -1.29
C TYR B 449 26.98 8.84 -0.67
N ALA B 450 27.05 8.76 0.65
CA ALA B 450 26.72 7.51 1.30
C ALA B 450 25.79 7.61 2.51
N PRO B 451 24.78 6.76 2.61
CA PRO B 451 23.94 6.73 3.79
C PRO B 451 24.70 5.93 4.85
N THR B 452 24.50 6.30 6.12
CA THR B 452 25.23 5.59 7.16
C THR B 452 24.35 5.34 8.37
N ASN B 453 24.70 4.29 9.10
CA ASN B 453 24.06 3.90 10.35
C ASN B 453 24.96 4.41 11.47
N ASN B 454 24.35 4.93 12.53
CA ASN B 454 25.15 5.48 13.63
C ASN B 454 24.67 5.00 14.99
N TRP B 455 24.56 3.68 15.16
CA TRP B 455 24.15 3.11 16.43
C TRP B 455 25.07 1.97 16.80
N GLY B 456 25.15 1.71 18.12
CA GLY B 456 25.98 0.66 18.65
C GLY B 456 25.15 -0.51 19.15
N MET B 457 25.85 -1.47 19.75
CA MET B 457 25.20 -2.66 20.27
C MET B 457 26.03 -3.29 21.38
N THR B 458 25.38 -4.18 22.11
CA THR B 458 25.97 -4.99 23.17
C THR B 458 25.52 -6.40 22.82
N LEU B 459 26.42 -7.20 22.29
CA LEU B 459 26.12 -8.56 21.85
C LEU B 459 26.65 -9.56 22.85
N GLU B 460 25.77 -10.46 23.30
CA GLU B 460 26.11 -11.49 24.29
C GLU B 460 26.03 -12.87 23.65
N PRO B 461 27.16 -13.55 23.41
CA PRO B 461 27.11 -14.87 22.81
C PRO B 461 26.39 -15.87 23.72
N MET B 462 25.76 -16.86 23.09
CA MET B 462 25.01 -17.89 23.79
C MET B 462 25.54 -19.27 23.41
N GLU B 463 25.04 -20.28 24.12
CA GLU B 463 25.43 -21.65 23.85
C GLU B 463 24.72 -22.16 22.61
N ARG B 464 25.41 -22.98 21.82
CA ARG B 464 24.82 -23.54 20.62
C ARG B 464 23.87 -24.66 21.01
N ALA B 465 22.61 -24.54 20.59
CA ALA B 465 21.61 -25.54 20.92
C ALA B 465 21.45 -26.63 19.88
N HIS B 466 21.88 -26.40 18.64
CA HIS B 466 21.72 -27.39 17.59
C HIS B 466 22.65 -27.06 16.42
N THR B 467 22.74 -28.02 15.49
CA THR B 467 23.54 -27.88 14.28
C THR B 467 22.70 -28.22 13.05
N ASN B 468 21.39 -27.97 13.14
CA ASN B 468 20.47 -28.26 12.05
C ASN B 468 20.49 -27.13 11.03
N GLN B 469 20.94 -27.43 9.82
CA GLN B 469 20.95 -26.43 8.77
C GLN B 469 19.52 -26.12 8.36
N GLY B 470 19.22 -24.84 8.13
CA GLY B 470 17.89 -24.43 7.76
C GLY B 470 17.05 -23.90 8.91
N SER B 471 17.58 -23.90 10.14
CA SER B 471 16.91 -23.40 11.32
C SER B 471 17.69 -22.20 11.83
N VAL B 472 17.07 -21.41 12.72
CA VAL B 472 17.73 -20.23 13.27
C VAL B 472 19.06 -20.70 13.88
N TYR B 473 20.16 -20.09 13.43
CA TYR B 473 21.51 -20.45 13.80
C TYR B 473 22.32 -19.21 14.21
N VAL B 474 21.82 -18.43 15.17
CA VAL B 474 22.50 -17.22 15.62
C VAL B 474 23.17 -17.43 16.98
N PHE B 475 22.37 -17.76 17.99
CA PHE B 475 22.83 -18.01 19.36
C PHE B 475 23.57 -16.81 19.94
N ALA B 476 22.82 -15.72 20.09
CA ALA B 476 23.34 -14.48 20.67
C ALA B 476 22.18 -13.52 20.88
N ASN B 477 22.23 -12.78 21.99
CA ASN B 477 21.23 -11.77 22.30
C ASN B 477 21.85 -10.41 22.05
N VAL B 478 21.14 -9.55 21.32
CA VAL B 478 21.65 -8.25 20.96
C VAL B 478 20.71 -7.16 21.46
N LEU B 479 21.30 -6.01 21.77
CA LEU B 479 20.61 -4.79 22.21
C LEU B 479 21.29 -3.64 21.49
N MET B 480 20.53 -2.74 20.85
CA MET B 480 21.10 -1.63 20.08
C MET B 480 20.67 -0.29 20.69
N LYS B 481 21.56 0.70 20.82
CA LYS B 481 21.04 1.96 21.41
C LYS B 481 21.64 2.79 20.28
N PRO B 482 21.03 3.92 19.85
CA PRO B 482 21.69 4.74 18.82
C PRO B 482 22.88 5.38 19.49
N GLU B 483 23.96 5.59 18.73
CA GLU B 483 25.14 6.20 19.36
C GLU B 483 24.77 7.51 20.03
N LYS B 484 24.19 8.42 19.26
CA LYS B 484 23.76 9.72 19.76
C LYS B 484 22.25 9.80 19.76
N PRO B 485 21.63 10.04 20.92
CA PRO B 485 20.16 10.11 20.99
C PRO B 485 19.64 11.17 20.02
N GLY B 486 18.58 10.80 19.30
CA GLY B 486 17.99 11.68 18.32
C GLY B 486 18.67 11.64 16.97
N VAL B 487 19.77 10.93 16.84
CA VAL B 487 20.50 10.81 15.58
C VAL B 487 20.77 9.35 15.32
N MET B 488 20.21 8.82 14.24
CA MET B 488 20.42 7.42 13.85
C MET B 488 21.07 7.31 12.48
N GLY B 489 20.47 7.92 11.46
CA GLY B 489 21.02 7.88 10.13
C GLY B 489 21.82 9.15 9.84
N ARG B 490 22.70 9.06 8.86
CA ARG B 490 23.53 10.19 8.45
C ARG B 490 23.89 10.04 6.99
N PHE B 491 23.54 11.05 6.19
CA PHE B 491 23.90 11.07 4.77
C PHE B 491 25.12 11.95 4.67
N LYS B 492 26.21 11.40 4.13
CA LYS B 492 27.46 12.15 4.04
C LYS B 492 28.06 12.13 2.65
N ALA B 493 28.90 13.14 2.41
CA ALA B 493 29.69 13.30 1.19
C ALA B 493 31.09 12.95 1.69
N PHE B 494 31.40 11.66 1.67
CA PHE B 494 32.66 11.15 2.19
C PHE B 494 33.73 11.04 1.10
N ASP B 495 34.91 11.59 1.39
CA ASP B 495 36.06 11.51 0.51
C ASP B 495 36.78 10.22 0.84
N VAL B 496 36.67 9.22 -0.04
CA VAL B 496 37.25 7.90 0.20
C VAL B 496 38.78 7.88 0.16
N ILE B 497 39.43 8.96 -0.23
CA ILE B 497 40.90 8.97 -0.25
C ILE B 497 41.46 9.56 1.03
N THR B 498 40.95 10.72 1.44
CA THR B 498 41.43 11.37 2.66
C THR B 498 40.66 10.91 3.91
N GLY B 499 39.52 10.26 3.75
CA GLY B 499 38.77 9.81 4.90
C GLY B 499 37.98 10.90 5.59
N LYS B 500 37.89 12.09 4.98
CA LYS B 500 37.17 13.22 5.54
C LYS B 500 35.87 13.44 4.76
N ALA B 501 34.82 13.83 5.47
CA ALA B 501 33.52 14.06 4.86
C ALA B 501 33.34 15.54 4.54
N ARG B 502 32.82 15.83 3.35
CA ARG B 502 32.56 17.21 2.96
C ARG B 502 31.47 17.80 3.84
N TRP B 503 30.38 17.04 4.02
CA TRP B 503 29.27 17.47 4.85
C TRP B 503 28.62 16.24 5.47
N ASP B 504 27.95 16.46 6.59
CA ASP B 504 27.29 15.39 7.34
C ASP B 504 25.90 15.84 7.71
N ILE B 505 24.89 15.08 7.27
CA ILE B 505 23.50 15.39 7.55
C ILE B 505 22.98 14.35 8.55
N PRO B 506 22.68 14.73 9.78
CA PRO B 506 22.12 13.78 10.74
C PRO B 506 20.61 13.71 10.60
N GLU B 507 20.07 12.51 10.76
CA GLU B 507 18.63 12.32 10.64
C GLU B 507 18.09 11.60 11.87
N ARG B 508 16.89 12.00 12.29
CA ARG B 508 16.26 11.38 13.46
C ARG B 508 16.07 9.90 13.25
N PHE B 509 15.68 9.51 12.06
CA PHE B 509 15.45 8.13 11.68
C PHE B 509 16.61 7.61 10.84
N PRO B 510 16.74 6.31 10.67
CA PRO B 510 17.84 5.78 9.87
C PRO B 510 17.71 6.14 8.40
N THR B 511 18.86 6.15 7.72
CA THR B 511 18.93 6.43 6.29
C THR B 511 19.17 5.07 5.64
N TRP B 512 18.08 4.33 5.46
CA TRP B 512 18.09 2.98 4.91
C TRP B 512 17.74 2.93 3.42
N SER B 513 17.87 4.05 2.71
CA SER B 513 17.58 4.07 1.29
C SER B 513 18.87 4.24 0.52
N GLY B 514 18.85 3.84 -0.74
CA GLY B 514 20.01 4.02 -1.58
C GLY B 514 20.19 5.48 -1.93
N ALA B 515 21.36 5.79 -2.48
CA ALA B 515 21.70 7.15 -2.88
C ALA B 515 21.63 7.27 -4.40
N LEU B 516 21.53 8.51 -4.84
CA LEU B 516 21.48 8.84 -6.26
C LEU B 516 22.07 10.23 -6.45
N VAL B 517 23.06 10.34 -7.32
CA VAL B 517 23.73 11.60 -7.60
C VAL B 517 23.51 11.95 -9.07
N THR B 518 23.20 13.21 -9.33
CA THR B 518 22.93 13.66 -10.69
C THR B 518 23.83 14.83 -11.07
N ASP B 519 24.02 15.00 -12.38
CA ASP B 519 24.84 16.10 -12.89
C ASP B 519 24.15 17.45 -12.75
N GLY B 520 22.97 17.48 -12.15
CA GLY B 520 22.24 18.70 -11.89
C GLY B 520 22.65 19.29 -10.56
N GLY B 521 23.69 18.74 -9.94
CA GLY B 521 24.20 19.19 -8.66
C GLY B 521 23.40 18.71 -7.46
N LEU B 522 22.67 17.60 -7.59
CA LEU B 522 21.85 17.10 -6.51
C LEU B 522 22.19 15.68 -6.08
N ALA B 523 21.86 15.39 -4.82
CA ALA B 523 22.02 14.09 -4.18
C ALA B 523 20.67 13.72 -3.60
N PHE B 524 20.16 12.54 -3.96
CA PHE B 524 18.86 12.08 -3.50
C PHE B 524 18.99 10.91 -2.54
N TYR B 525 18.19 10.94 -1.47
CA TYR B 525 18.14 9.88 -0.47
C TYR B 525 16.82 9.99 0.29
N GLY B 526 16.47 8.93 1.00
CA GLY B 526 15.24 8.90 1.77
C GLY B 526 15.46 8.38 3.19
N THR B 527 14.58 8.83 4.08
CA THR B 527 14.61 8.45 5.49
C THR B 527 13.59 7.36 5.78
N LEU B 528 13.79 6.68 6.91
CA LEU B 528 12.89 5.60 7.30
C LEU B 528 11.50 6.08 7.71
N ASP B 529 11.32 7.35 8.06
CA ASP B 529 10.00 7.82 8.43
C ASP B 529 9.22 8.32 7.21
N GLY B 530 9.80 8.24 6.01
CA GLY B 530 9.12 8.62 4.79
C GLY B 530 9.59 9.87 4.08
N TRP B 531 10.59 10.58 4.60
CA TRP B 531 11.03 11.80 3.94
C TRP B 531 11.96 11.50 2.77
N PHE B 532 11.59 11.97 1.59
CA PHE B 532 12.39 11.84 0.38
C PHE B 532 13.00 13.22 0.17
N LYS B 533 14.33 13.32 0.22
CA LYS B 533 14.97 14.62 0.14
C LYS B 533 15.96 14.74 -1.02
N ALA B 534 16.18 15.99 -1.41
CA ALA B 534 17.12 16.39 -2.46
C ALA B 534 18.04 17.43 -1.86
N VAL B 535 19.36 17.18 -1.89
CA VAL B 535 20.31 18.11 -1.31
C VAL B 535 21.38 18.49 -2.32
N ASP B 536 22.04 19.62 -2.05
CA ASP B 536 23.12 20.11 -2.90
C ASP B 536 24.35 19.25 -2.71
N ARG B 537 24.97 18.84 -3.82
CA ARG B 537 26.15 17.99 -3.74
C ARG B 537 27.32 18.71 -3.07
N LYS B 538 27.45 20.02 -3.32
CA LYS B 538 28.57 20.77 -2.78
C LYS B 538 28.44 21.05 -1.28
N THR B 539 27.28 21.54 -0.84
CA THR B 539 27.11 21.90 0.57
C THR B 539 26.31 20.90 1.39
N GLY B 540 25.36 20.19 0.80
CA GLY B 540 24.57 19.26 1.56
C GLY B 540 23.30 19.85 2.16
N LYS B 541 22.95 21.08 1.81
CA LYS B 541 21.74 21.69 2.33
C LYS B 541 20.54 21.15 1.57
N VAL B 542 19.44 20.92 2.28
CA VAL B 542 18.25 20.39 1.64
C VAL B 542 17.60 21.46 0.77
N LEU B 543 17.32 21.10 -0.49
CA LEU B 543 16.68 22.02 -1.43
C LEU B 543 15.25 21.62 -1.75
N TRP B 544 14.81 20.42 -1.37
CA TRP B 544 13.47 19.92 -1.61
C TRP B 544 13.26 18.66 -0.80
N GLN B 545 12.07 18.53 -0.20
CA GLN B 545 11.74 17.36 0.60
C GLN B 545 10.22 17.22 0.69
N GLN B 546 9.76 15.98 0.70
CA GLN B 546 8.33 15.66 0.82
C GLN B 546 8.21 14.34 1.57
N LYS B 547 7.27 14.27 2.50
CA LYS B 547 7.05 13.07 3.30
C LYS B 547 6.12 12.13 2.53
N LEU B 548 6.63 10.97 2.14
CA LEU B 548 5.85 10.00 1.38
C LEU B 548 5.02 9.10 2.30
N GLY B 549 4.33 8.14 1.68
CA GLY B 549 3.42 7.27 2.40
C GLY B 549 4.05 6.42 3.49
N SER B 550 5.24 5.87 3.25
CA SER B 550 5.87 5.03 4.26
C SER B 550 7.38 5.21 4.20
N GLY B 551 8.09 4.39 4.97
CA GLY B 551 9.54 4.47 4.99
C GLY B 551 10.14 4.16 3.63
N ILE B 552 11.21 4.89 3.31
CA ILE B 552 11.87 4.74 2.02
C ILE B 552 13.13 3.91 2.18
N ILE B 553 13.07 2.67 1.68
CA ILE B 553 14.21 1.76 1.67
C ILE B 553 14.54 1.35 0.24
N GLY B 554 13.95 2.04 -0.74
CA GLY B 554 14.24 1.81 -2.13
C GLY B 554 15.39 2.70 -2.55
N ASN B 555 15.81 2.54 -3.80
CA ASN B 555 16.92 3.32 -4.31
C ASN B 555 16.41 4.26 -5.38
N PRO B 556 16.58 5.58 -5.22
CA PRO B 556 16.07 6.51 -6.22
C PRO B 556 16.76 6.35 -7.57
N ILE B 557 15.98 6.47 -8.64
CA ILE B 557 16.51 6.36 -9.98
C ILE B 557 16.18 7.63 -10.76
N SER B 558 16.95 7.86 -11.81
CA SER B 558 16.77 9.02 -12.67
C SER B 558 16.81 8.52 -14.11
N TYR B 559 15.80 8.91 -14.89
CA TYR B 559 15.69 8.52 -16.28
C TYR B 559 15.03 9.65 -17.05
N GLU B 560 14.91 9.48 -18.37
CA GLU B 560 14.31 10.50 -19.21
C GLU B 560 13.33 9.89 -20.19
N VAL B 561 12.14 10.48 -20.28
CA VAL B 561 11.09 10.04 -21.19
C VAL B 561 10.52 11.26 -21.89
N GLY B 562 10.41 11.19 -23.21
CA GLY B 562 9.86 12.31 -23.97
C GLY B 562 10.61 13.60 -23.79
N GLY B 563 11.92 13.53 -23.55
CA GLY B 563 12.71 14.72 -23.36
C GLY B 563 12.64 15.33 -21.98
N LYS B 564 11.95 14.70 -21.03
CA LYS B 564 11.80 15.22 -19.68
C LYS B 564 12.39 14.23 -18.67
N GLN B 565 13.07 14.76 -17.67
CA GLN B 565 13.69 13.95 -16.64
C GLN B 565 12.70 13.56 -15.54
N TYR B 566 12.85 12.35 -15.02
CA TYR B 566 11.98 11.87 -13.96
C TYR B 566 12.80 11.19 -12.88
N ILE B 567 12.32 11.30 -11.64
CA ILE B 567 12.95 10.69 -10.48
C ILE B 567 11.93 9.75 -9.86
N SER B 568 12.30 8.48 -9.72
CA SER B 568 11.40 7.49 -9.14
C SER B 568 12.09 6.76 -8.00
N VAL B 569 11.33 6.49 -6.94
CA VAL B 569 11.84 5.79 -5.76
C VAL B 569 10.69 4.99 -5.14
N LEU B 570 11.03 3.84 -4.57
CA LEU B 570 10.04 2.98 -3.93
C LEU B 570 9.92 3.33 -2.46
N SER B 571 8.72 3.15 -1.91
CA SER B 571 8.46 3.42 -0.51
C SER B 571 7.76 2.22 0.12
N GLY B 572 7.92 2.11 1.43
CA GLY B 572 7.34 1.05 2.23
C GLY B 572 8.40 0.58 3.21
N ILE B 573 8.12 0.70 4.50
CA ILE B 573 9.08 0.34 5.52
C ILE B 573 9.32 -1.17 5.53
N GLY B 574 10.54 -1.55 5.88
CA GLY B 574 10.87 -2.98 5.93
C GLY B 574 12.34 -3.23 6.09
N GLY B 575 12.78 -4.39 5.60
CA GLY B 575 14.17 -4.76 5.73
C GLY B 575 14.42 -5.11 7.20
N TRP B 576 15.71 -5.29 7.52
CA TRP B 576 16.04 -5.61 8.91
C TRP B 576 15.70 -4.45 9.83
N ILE B 577 15.94 -3.22 9.36
CA ILE B 577 15.64 -2.05 10.17
C ILE B 577 14.15 -1.92 10.45
N GLY B 578 13.30 -2.41 9.54
CA GLY B 578 11.86 -2.36 9.68
C GLY B 578 11.20 -3.67 10.07
N LEU B 579 11.99 -4.71 10.37
CA LEU B 579 11.41 -6.00 10.74
C LEU B 579 10.44 -5.92 11.92
N PRO B 580 10.69 -5.12 12.97
CA PRO B 580 9.71 -5.10 14.07
C PRO B 580 8.32 -4.69 13.63
N VAL B 581 8.21 -3.90 12.56
CA VAL B 581 6.91 -3.46 12.08
C VAL B 581 6.33 -4.45 11.07
N THR B 582 7.09 -4.81 10.04
CA THR B 582 6.60 -5.74 9.01
C THR B 582 6.25 -7.10 9.60
N ALA B 583 7.06 -7.59 10.53
CA ALA B 583 6.77 -8.87 11.16
C ALA B 583 5.78 -8.73 12.31
N GLY B 584 5.41 -7.51 12.68
CA GLY B 584 4.48 -7.31 13.78
C GLY B 584 5.01 -7.87 15.09
N LEU B 585 6.30 -7.68 15.34
CA LEU B 585 6.93 -8.18 16.55
C LEU B 585 6.49 -7.38 17.77
N ASP B 586 6.71 -7.95 18.93
CA ASP B 586 6.32 -7.31 20.18
C ASP B 586 7.25 -6.15 20.52
N PRO B 587 6.74 -4.93 20.69
CA PRO B 587 7.62 -3.81 21.05
C PRO B 587 8.19 -3.91 22.44
N ALA B 588 7.62 -4.74 23.31
CA ALA B 588 8.10 -4.90 24.68
C ALA B 588 9.29 -5.83 24.80
N ASP B 589 9.68 -6.52 23.73
CA ASP B 589 10.82 -7.44 23.76
C ASP B 589 11.99 -6.75 23.06
N PRO B 590 12.86 -6.07 23.81
CA PRO B 590 13.99 -5.37 23.16
C PRO B 590 14.90 -6.26 22.36
N TYR B 591 15.08 -7.53 22.76
CA TYR B 591 15.94 -8.44 22.01
C TYR B 591 15.31 -8.91 20.71
N GLY B 592 14.03 -8.60 20.48
CA GLY B 592 13.37 -9.05 19.27
C GLY B 592 14.06 -8.54 18.02
N ALA B 593 13.94 -9.33 16.96
CA ALA B 593 14.53 -9.03 15.65
C ALA B 593 16.05 -8.90 15.72
N LEU B 594 16.69 -9.79 16.48
CA LEU B 594 18.16 -9.78 16.60
C LEU B 594 18.69 -8.47 17.17
N GLY B 595 17.93 -7.84 18.06
CA GLY B 595 18.33 -6.59 18.68
C GLY B 595 17.82 -5.32 18.03
N VAL B 596 16.72 -5.39 17.27
CA VAL B 596 16.17 -4.21 16.62
C VAL B 596 14.84 -3.77 17.21
N SER B 597 14.07 -4.68 17.82
CA SER B 597 12.77 -4.31 18.38
C SER B 597 12.92 -3.22 19.45
N GLY B 598 13.90 -3.35 20.33
CA GLY B 598 14.08 -2.36 21.37
C GLY B 598 14.40 -0.99 20.84
N MET B 599 15.33 -0.91 19.89
CA MET B 599 15.69 0.38 19.31
C MET B 599 14.52 0.94 18.52
N ALA B 600 13.82 0.09 17.77
CA ALA B 600 12.67 0.53 17.00
C ALA B 600 11.55 1.03 17.90
N ALA B 601 11.30 0.32 19.01
CA ALA B 601 10.25 0.72 19.94
C ALA B 601 10.60 2.03 20.64
N GLU B 602 11.88 2.29 20.86
CA GLU B 602 12.30 3.50 21.54
C GLU B 602 12.34 4.71 20.62
N ASN B 603 12.48 4.52 19.31
CA ASN B 603 12.56 5.62 18.37
C ASN B 603 11.33 5.74 17.47
N GLY B 604 10.17 5.29 17.98
CA GLY B 604 8.90 5.39 17.26
C GLY B 604 8.80 4.77 15.89
N PHE B 605 9.41 3.60 15.67
CA PHE B 605 9.30 2.97 14.37
C PHE B 605 7.90 2.40 14.14
N TYR B 606 7.24 1.97 15.21
CA TYR B 606 5.91 1.38 15.11
C TYR B 606 4.86 2.34 14.61
N ASN B 607 5.16 3.65 14.59
CA ASN B 607 4.22 4.63 14.10
C ASN B 607 4.39 4.88 12.60
N ILE B 608 5.29 4.16 11.95
CA ILE B 608 5.52 4.27 10.52
C ILE B 608 4.69 3.16 9.87
N PRO B 609 3.63 3.50 9.12
CA PRO B 609 2.80 2.46 8.52
C PRO B 609 3.50 1.72 7.38
N MET B 610 3.08 0.48 7.18
CA MET B 610 3.64 -0.30 6.09
C MET B 610 3.11 0.24 4.77
N GLY B 611 3.65 -0.29 3.67
CA GLY B 611 3.19 0.16 2.38
C GLY B 611 4.11 -0.32 1.27
N GLY B 612 3.77 0.13 0.08
CA GLY B 612 4.52 -0.16 -1.12
C GLY B 612 3.96 0.72 -2.21
N THR B 613 4.80 1.58 -2.78
CA THR B 613 4.33 2.50 -3.80
C THR B 613 5.53 3.15 -4.46
N LEU B 614 5.47 3.26 -5.77
CA LEU B 614 6.53 3.90 -6.54
C LEU B 614 6.11 5.32 -6.83
N TYR B 615 6.89 6.28 -6.38
CA TYR B 615 6.61 7.69 -6.59
C TYR B 615 7.52 8.23 -7.69
N THR B 616 6.94 8.97 -8.62
CA THR B 616 7.67 9.56 -9.73
C THR B 616 7.50 11.08 -9.66
N PHE B 617 8.60 11.80 -9.85
CA PHE B 617 8.60 13.26 -9.78
C PHE B 617 9.21 13.88 -11.04
N CYS B 618 8.78 15.10 -11.34
CA CYS B 618 9.27 15.85 -12.48
C CYS B 618 9.22 17.33 -12.13
N VAL B 619 9.86 18.15 -12.97
CA VAL B 619 9.89 19.59 -12.73
C VAL B 619 9.11 20.35 -13.81
ND ND C . -27.51 -5.53 -1.53
C MOH D . -24.28 -7.35 -3.36
O MOH D . -25.43 -6.51 -3.39
N1 PQQ E . 19.00 -7.85 4.84
C2 PQQ E . 18.84 -6.57 5.30
C2X PQQ E . 17.78 -5.64 4.73
O2A PQQ E . 17.24 -5.97 3.64
O2B PQQ E . 17.48 -4.56 5.32
C3 PQQ E . 19.78 -6.33 6.31
C3A PQQ E . 20.50 -7.47 6.46
C1A PQQ E . 20.01 -8.42 5.55
C4 PQQ E . 21.64 -7.81 7.38
O4 PQQ E . 22.05 -7.01 8.14
C5 PQQ E . 22.22 -9.11 7.33
O5 PQQ E . 23.12 -9.38 8.04
C6A PQQ E . 21.70 -10.12 6.35
N6 PQQ E . 22.27 -11.35 6.29
C7 PQQ E . 21.81 -12.27 5.41
C7X PQQ E . 22.71 -13.46 5.68
O7A PQQ E . 22.51 -14.58 5.13
O7B PQQ E . 23.72 -13.29 6.43
C8 PQQ E . 20.76 -11.96 4.53
C9 PQQ E . 20.18 -10.72 4.59
C9X PQQ E . 19.11 -10.85 3.50
O9A PQQ E . 19.09 -11.85 2.73
O9B PQQ E . 18.25 -9.94 3.37
C9A PQQ E . 20.64 -9.80 5.48
ND ND F . 24.16 -11.50 8.35
C MOH G . 20.93 -10.72 10.56
O MOH G . 22.20 -10.56 9.95
#